data_6WN6
#
_entry.id   6WN6
#
_cell.length_a   116.576
_cell.length_b   116.576
_cell.length_c   247.725
_cell.angle_alpha   90.000
_cell.angle_beta   90.000
_cell.angle_gamma   90.000
#
_symmetry.space_group_name_H-M   'P 41 21 2'
#
loop_
_entity.id
_entity.type
_entity.pdbx_description
1 polymer '3-keto-D-glucoside 4-epimerase'
2 non-polymer 'MANGANESE (II) ION'
3 non-polymer 1,2-ETHANEDIOL
4 water water
#
_entity_poly.entity_id   1
_entity_poly.type   'polypeptide(L)'
_entity_poly.pdbx_seq_one_letter_code
;MHHHHHHSSGLVPRGSGMKETAAAKFERQHMDSPDLGTDDDDKAMADIGSKKMKIGTQNQAFFPENILEKFRYIKEMGFD
GFEIDGKLLVNNIEEVKAAIKETGLPVTTACGGYDGWIGDFIEERRLNGLKQIERILEALAEVGGKGIVVPAAWGMFTFR
LPPMTSPRSLDGDRKMVSDSLRVLEQVAARTGTVVYLEPLNRYQDHMINTLADARRYIVENDLKHVQIIGDFYHMNIEED
NLAQALHDNRDLLGHVHIADNHRYQPGSGTLDFHALFEQLRADNYQGYVVYEGRIRAEDPAQAYRDSLAWLRTC
;
_entity_poly.pdbx_strand_id   A,B,C,D
#
# COMPACT_ATOMS: atom_id res chain seq x y z
N LYS A 52 32.75 26.91 22.33
CA LYS A 52 32.01 27.51 21.23
C LYS A 52 31.73 26.47 20.14
N MET A 53 30.46 26.25 19.84
CA MET A 53 30.04 25.29 18.83
C MET A 53 29.72 26.03 17.53
N LYS A 54 30.08 25.41 16.41
CA LYS A 54 29.65 25.90 15.11
C LYS A 54 28.26 25.35 14.83
N ILE A 55 27.28 26.23 14.66
CA ILE A 55 25.87 25.85 14.56
C ILE A 55 25.34 26.28 13.21
N GLY A 56 24.85 25.32 12.43
CA GLY A 56 24.26 25.59 11.13
C GLY A 56 22.79 25.18 11.11
N THR A 57 22.20 25.34 9.92
CA THR A 57 20.79 25.00 9.75
C THR A 57 20.54 24.53 8.34
N GLN A 58 19.57 23.62 8.20
CA GLN A 58 18.97 23.37 6.89
C GLN A 58 17.98 24.48 6.55
N ASN A 59 17.44 24.43 5.34
CA ASN A 59 16.45 25.39 4.90
C ASN A 59 15.13 25.19 5.64
N GLN A 60 14.40 26.30 5.85
CA GLN A 60 13.04 26.25 6.37
C GLN A 60 12.14 27.06 5.45
N ALA A 61 10.85 26.74 5.48
CA ALA A 61 9.94 27.33 4.51
C ALA A 61 9.83 28.84 4.67
N PHE A 62 10.10 29.37 5.86
CA PHE A 62 10.01 30.82 6.01
C PHE A 62 11.27 31.55 5.58
N PHE A 63 12.34 30.83 5.23
CA PHE A 63 13.54 31.46 4.69
C PHE A 63 13.22 32.11 3.35
N PRO A 64 13.89 33.20 2.99
CA PRO A 64 13.76 33.75 1.65
C PRO A 64 14.08 32.71 0.58
N GLU A 65 13.37 32.80 -0.55
CA GLU A 65 13.58 31.87 -1.64
C GLU A 65 14.85 32.19 -2.41
N ASN A 66 15.11 33.48 -2.66
CA ASN A 66 16.28 33.89 -3.42
C ASN A 66 17.56 33.47 -2.70
N ILE A 67 18.49 32.88 -3.44
CA ILE A 67 19.63 32.22 -2.82
C ILE A 67 20.46 33.24 -2.04
N LEU A 68 20.81 34.36 -2.68
CA LEU A 68 21.58 35.39 -1.99
C LEU A 68 20.86 35.89 -0.75
N GLU A 69 19.57 36.24 -0.89
CA GLU A 69 18.81 36.70 0.27
C GLU A 69 18.74 35.62 1.35
N LYS A 70 18.62 34.35 0.93
CA LYS A 70 18.58 33.25 1.89
C LYS A 70 19.85 33.20 2.71
N PHE A 71 21.01 33.26 2.04
CA PHE A 71 22.28 33.25 2.77
C PHE A 71 22.39 34.46 3.69
N ARG A 72 22.00 35.64 3.20
CA ARG A 72 22.01 36.83 4.05
C ARG A 72 21.13 36.63 5.27
N TYR A 73 19.91 36.13 5.06
CA TYR A 73 18.96 35.90 6.14
C TYR A 73 19.51 34.91 7.17
N ILE A 74 20.10 33.81 6.69
CA ILE A 74 20.65 32.83 7.62
C ILE A 74 21.80 33.43 8.43
N LYS A 75 22.66 34.20 7.76
CA LYS A 75 23.80 34.82 8.43
C LYS A 75 23.34 35.75 9.54
N GLU A 76 22.35 36.60 9.25
CA GLU A 76 21.96 37.61 10.23
C GLU A 76 21.22 36.99 11.41
N MET A 77 20.58 35.83 11.24
CA MET A 77 20.02 35.15 12.41
C MET A 77 21.11 34.68 13.36
N GLY A 78 22.34 34.53 12.89
CA GLY A 78 23.46 34.14 13.73
C GLY A 78 24.07 32.78 13.41
N PHE A 79 23.61 32.09 12.37
CA PHE A 79 24.10 30.75 12.09
C PHE A 79 25.49 30.79 11.45
N ASP A 80 26.26 29.73 11.70
CA ASP A 80 27.62 29.60 11.19
C ASP A 80 27.69 28.90 9.84
N GLY A 81 26.60 28.32 9.35
CA GLY A 81 26.67 27.62 8.08
C GLY A 81 25.31 27.15 7.62
N PHE A 82 25.27 26.70 6.38
CA PHE A 82 24.04 26.33 5.70
C PHE A 82 24.19 24.91 5.14
N GLU A 83 23.27 24.01 5.53
CA GLU A 83 23.22 22.67 4.96
C GLU A 83 22.15 22.68 3.86
N ILE A 84 22.58 22.56 2.62
CA ILE A 84 21.77 22.88 1.44
C ILE A 84 21.14 21.61 0.87
N ASP A 85 19.97 21.78 0.25
CA ASP A 85 19.38 20.70 -0.53
C ASP A 85 20.28 20.36 -1.72
N GLY A 86 20.45 19.06 -1.97
CA GLY A 86 21.39 18.65 -3.00
C GLY A 86 21.00 19.11 -4.38
N LYS A 87 19.71 19.11 -4.69
CA LYS A 87 19.28 19.53 -6.02
C LYS A 87 19.36 21.05 -6.19
N LEU A 88 18.99 21.80 -5.16
CA LEU A 88 19.17 23.25 -5.21
C LEU A 88 20.62 23.61 -5.46
N LEU A 89 21.54 22.91 -4.79
CA LEU A 89 22.97 23.15 -4.98
C LEU A 89 23.40 22.87 -6.41
N VAL A 90 23.10 21.67 -6.90
CA VAL A 90 23.57 21.26 -8.22
C VAL A 90 23.01 22.17 -9.31
N ASN A 91 21.76 22.60 -9.15
CA ASN A 91 21.13 23.39 -10.20
C ASN A 91 21.49 24.87 -10.14
N ASN A 92 22.21 25.31 -9.11
CA ASN A 92 22.48 26.74 -8.91
C ASN A 92 23.87 26.96 -8.35
N ILE A 93 24.85 26.26 -8.91
CA ILE A 93 26.22 26.26 -8.36
C ILE A 93 26.78 27.68 -8.31
N GLU A 94 26.67 28.43 -9.41
CA GLU A 94 27.32 29.74 -9.44
C GLU A 94 26.61 30.71 -8.51
N GLU A 95 25.28 30.68 -8.48
CA GLU A 95 24.53 31.51 -7.53
C GLU A 95 24.97 31.19 -6.10
N VAL A 96 25.14 29.91 -5.77
CA VAL A 96 25.59 29.54 -4.43
C VAL A 96 27.00 30.04 -4.17
N LYS A 97 27.91 29.86 -5.14
CA LYS A 97 29.26 30.36 -4.98
C LYS A 97 29.27 31.85 -4.72
N ALA A 98 28.51 32.61 -5.52
CA ALA A 98 28.41 34.05 -5.30
C ALA A 98 27.93 34.36 -3.89
N ALA A 99 26.85 33.71 -3.45
CA ALA A 99 26.29 33.99 -2.13
C ALA A 99 27.26 33.67 -1.01
N ILE A 100 28.04 32.60 -1.16
CA ILE A 100 29.06 32.29 -0.16
C ILE A 100 30.11 33.41 -0.12
N LYS A 101 30.54 33.86 -1.29
CA LYS A 101 31.56 34.91 -1.37
C LYS A 101 31.05 36.20 -0.73
N GLU A 102 29.86 36.65 -1.13
CA GLU A 102 29.35 37.94 -0.67
C GLU A 102 29.05 37.94 0.83
N THR A 103 28.50 36.86 1.35
CA THR A 103 28.06 36.81 2.75
C THR A 103 29.08 36.22 3.70
N GLY A 104 30.00 35.39 3.20
CA GLY A 104 30.84 34.66 4.12
C GLY A 104 30.16 33.53 4.86
N LEU A 105 28.92 33.20 4.50
CA LEU A 105 28.25 32.04 5.10
C LEU A 105 28.54 30.82 4.24
N PRO A 106 29.21 29.80 4.76
CA PRO A 106 29.57 28.65 3.94
C PRO A 106 28.43 27.64 3.82
N VAL A 107 28.44 26.92 2.70
CA VAL A 107 27.71 25.66 2.62
C VAL A 107 28.54 24.60 3.32
N THR A 108 28.02 24.04 4.40
CA THR A 108 28.77 23.06 5.17
C THR A 108 28.64 21.66 4.57
N THR A 109 27.47 21.35 4.03
CA THR A 109 27.03 19.99 3.75
C THR A 109 25.84 20.12 2.82
N ALA A 110 25.49 18.99 2.21
CA ALA A 110 24.22 18.91 1.50
C ALA A 110 23.43 17.75 2.09
N CYS A 111 22.11 17.79 1.89
CA CYS A 111 21.28 16.71 2.38
C CYS A 111 20.10 16.62 1.42
N GLY A 112 19.69 15.39 1.08
CA GLY A 112 18.62 15.22 0.11
C GLY A 112 19.00 15.68 -1.30
N GLY A 113 17.99 15.75 -2.15
CA GLY A 113 18.15 16.19 -3.52
C GLY A 113 18.37 15.10 -4.55
N TYR A 114 18.16 13.84 -4.19
CA TYR A 114 18.34 12.72 -5.10
C TYR A 114 17.15 11.78 -4.95
N ASP A 115 16.85 11.04 -6.00
CA ASP A 115 15.71 10.13 -6.05
C ASP A 115 16.25 8.71 -6.16
N GLY A 116 16.24 7.99 -5.04
CA GLY A 116 16.81 6.64 -4.98
C GLY A 116 17.73 6.49 -3.80
N TRP A 117 17.35 5.69 -2.80
CA TRP A 117 18.12 5.57 -1.57
C TRP A 117 19.33 4.66 -1.78
N ILE A 118 20.39 4.90 -1.00
CA ILE A 118 21.57 4.04 -1.13
C ILE A 118 21.22 2.58 -0.77
N GLY A 119 20.15 2.38 -0.01
CA GLY A 119 19.71 1.03 0.29
C GLY A 119 18.39 0.69 -0.39
N ASP A 120 18.08 1.36 -1.50
CA ASP A 120 16.76 1.24 -2.11
C ASP A 120 16.42 -0.21 -2.43
N PHE A 121 15.15 -0.56 -2.22
CA PHE A 121 14.64 -1.87 -2.61
C PHE A 121 14.73 -2.07 -4.12
N ILE A 122 14.62 -1.01 -4.90
CA ILE A 122 14.60 -1.09 -6.36
C ILE A 122 15.99 -0.77 -6.89
N GLU A 123 16.61 -1.73 -7.58
CA GLU A 123 18.00 -1.56 -8.00
C GLU A 123 18.18 -0.36 -8.93
N GLU A 124 17.29 -0.18 -9.90
CA GLU A 124 17.44 0.97 -10.79
C GLU A 124 17.42 2.29 -10.02
N ARG A 125 16.57 2.38 -8.98
CA ARG A 125 16.51 3.60 -8.19
C ARG A 125 17.77 3.79 -7.36
N ARG A 126 18.28 2.72 -6.75
CA ARG A 126 19.53 2.84 -6.03
C ARG A 126 20.63 3.38 -6.94
N LEU A 127 20.73 2.83 -8.16
CA LEU A 127 21.81 3.21 -9.06
C LEU A 127 21.62 4.62 -9.57
N ASN A 128 20.38 5.00 -9.88
N ASN A 128 20.38 4.99 -9.89
CA ASN A 128 20.13 6.39 -10.27
CA ASN A 128 20.06 6.37 -10.26
C ASN A 128 20.46 7.34 -9.13
C ASN A 128 20.42 7.33 -9.14
N GLY A 129 20.12 6.96 -7.90
CA GLY A 129 20.45 7.79 -6.76
C GLY A 129 21.95 8.00 -6.61
N LEU A 130 22.73 6.93 -6.87
CA LEU A 130 24.18 7.06 -6.77
C LEU A 130 24.71 8.04 -7.79
N LYS A 131 24.16 8.02 -9.02
CA LYS A 131 24.56 8.99 -10.03
C LYS A 131 24.25 10.41 -9.57
N GLN A 132 23.08 10.60 -8.96
CA GLN A 132 22.71 11.93 -8.49
C GLN A 132 23.58 12.35 -7.30
N ILE A 133 23.85 11.43 -6.37
CA ILE A 133 24.70 11.76 -5.23
C ILE A 133 26.11 12.12 -5.71
N GLU A 134 26.61 11.44 -6.74
CA GLU A 134 27.91 11.81 -7.30
C GLU A 134 27.90 13.27 -7.76
N ARG A 135 26.85 13.69 -8.48
CA ARG A 135 26.76 15.08 -8.90
C ARG A 135 26.74 16.03 -7.70
N ILE A 136 26.05 15.64 -6.63
CA ILE A 136 25.99 16.49 -5.44
C ILE A 136 27.37 16.61 -4.80
N LEU A 137 28.12 15.50 -4.73
CA LEU A 137 29.47 15.55 -4.17
C LEU A 137 30.39 16.44 -5.02
N GLU A 138 30.27 16.34 -6.36
CA GLU A 138 31.04 17.22 -7.24
C GLU A 138 30.71 18.68 -6.97
N ALA A 139 29.42 18.99 -6.83
CA ALA A 139 29.00 20.37 -6.56
C ALA A 139 29.50 20.84 -5.20
N LEU A 140 29.46 19.95 -4.19
CA LEU A 140 29.98 20.32 -2.89
C LEU A 140 31.45 20.71 -2.96
N ALA A 141 32.25 19.92 -3.70
CA ALA A 141 33.66 20.26 -3.84
C ALA A 141 33.83 21.62 -4.52
N GLU A 142 32.96 21.94 -5.48
CA GLU A 142 33.11 23.22 -6.17
C GLU A 142 32.75 24.41 -5.29
N VAL A 143 31.93 24.22 -4.25
CA VAL A 143 31.57 25.34 -3.38
C VAL A 143 32.25 25.23 -2.02
N GLY A 144 33.11 24.25 -1.82
CA GLY A 144 33.78 24.14 -0.54
C GLY A 144 33.00 23.43 0.55
N GLY A 145 31.94 22.70 0.19
CA GLY A 145 31.24 21.91 1.18
C GLY A 145 32.01 20.66 1.57
N LYS A 146 31.70 20.14 2.75
CA LYS A 146 32.43 18.98 3.26
C LYS A 146 31.88 17.64 2.77
N GLY A 147 30.57 17.48 2.67
CA GLY A 147 30.05 16.18 2.26
C GLY A 147 28.54 16.16 2.27
N ILE A 148 27.99 15.00 1.95
CA ILE A 148 26.55 14.80 1.85
C ILE A 148 26.07 13.91 2.99
N VAL A 149 24.93 14.28 3.58
CA VAL A 149 24.27 13.47 4.60
C VAL A 149 23.29 12.54 3.90
N VAL A 150 23.42 11.23 4.12
CA VAL A 150 22.47 10.26 3.55
C VAL A 150 22.08 9.23 4.61
N PRO A 151 20.80 8.86 4.68
CA PRO A 151 20.42 7.65 5.43
C PRO A 151 20.49 6.46 4.50
N ALA A 152 20.29 5.27 5.09
CA ALA A 152 20.13 4.08 4.25
C ALA A 152 18.89 4.21 3.37
N ALA A 153 17.81 4.75 3.94
CA ALA A 153 16.57 5.06 3.22
C ALA A 153 15.69 5.86 4.17
N TRP A 154 14.68 6.52 3.62
CA TRP A 154 13.65 7.16 4.43
C TRP A 154 12.29 6.80 3.87
N GLY A 155 11.34 6.46 4.77
CA GLY A 155 9.96 6.32 4.36
C GLY A 155 9.66 5.17 3.42
N MET A 156 10.63 4.27 3.25
CA MET A 156 10.52 3.10 2.37
C MET A 156 10.01 1.87 3.11
N PHE A 157 10.50 1.63 4.32
CA PHE A 157 10.07 0.46 5.06
C PHE A 157 10.40 0.64 6.54
N THR A 158 9.62 0.02 7.40
CA THR A 158 9.94 -0.09 8.81
C THR A 158 9.41 -1.42 9.34
N PHE A 159 10.20 -2.06 10.22
CA PHE A 159 9.75 -3.27 10.89
C PHE A 159 8.60 -3.02 11.87
N ARG A 160 8.36 -1.76 12.24
CA ARG A 160 7.46 -1.49 13.36
C ARG A 160 6.05 -1.07 12.96
N LEU A 161 5.75 -0.96 11.67
CA LEU A 161 4.41 -0.61 11.21
C LEU A 161 4.07 -1.48 10.00
N PRO A 162 2.80 -1.80 9.78
CA PRO A 162 2.43 -2.66 8.64
C PRO A 162 2.84 -2.01 7.33
N PRO A 163 3.29 -2.81 6.32
CA PRO A 163 3.47 -4.26 6.34
C PRO A 163 4.65 -4.66 7.21
N MET A 164 4.46 -5.69 8.03
CA MET A 164 5.45 -6.02 9.02
C MET A 164 6.62 -6.82 8.43
N THR A 165 6.44 -7.44 7.26
CA THR A 165 7.45 -8.34 6.70
C THR A 165 8.25 -7.62 5.63
N SER A 166 9.57 -7.61 5.79
CA SER A 166 10.42 -6.98 4.78
C SER A 166 10.48 -7.86 3.54
N PRO A 167 10.48 -7.27 2.35
CA PRO A 167 10.62 -8.06 1.12
C PRO A 167 12.05 -8.51 0.82
N ARG A 168 13.02 -8.06 1.60
CA ARG A 168 14.43 -8.36 1.37
C ARG A 168 15.05 -8.86 2.67
N SER A 169 15.98 -9.81 2.57
CA SER A 169 16.66 -10.32 3.76
C SER A 169 17.57 -9.26 4.36
N LEU A 170 17.97 -9.48 5.62
CA LEU A 170 18.94 -8.59 6.24
C LEU A 170 20.26 -8.60 5.50
N ASP A 171 20.70 -9.78 5.04
CA ASP A 171 21.93 -9.82 4.24
C ASP A 171 21.76 -9.06 2.94
N GLY A 172 20.56 -9.11 2.35
CA GLY A 172 20.30 -8.33 1.16
C GLY A 172 20.40 -6.83 1.40
N ASP A 173 19.82 -6.36 2.52
CA ASP A 173 20.01 -4.96 2.93
C ASP A 173 21.51 -4.61 2.98
N ARG A 174 22.26 -5.42 3.73
CA ARG A 174 23.67 -5.09 3.98
C ARG A 174 24.45 -5.04 2.68
N LYS A 175 24.18 -5.97 1.75
CA LYS A 175 24.93 -5.99 0.50
C LYS A 175 24.66 -4.74 -0.32
N MET A 176 23.40 -4.29 -0.38
CA MET A 176 23.09 -3.14 -1.22
C MET A 176 23.64 -1.85 -0.61
N VAL A 177 23.47 -1.65 0.70
CA VAL A 177 24.03 -0.46 1.35
C VAL A 177 25.55 -0.48 1.22
N SER A 178 26.18 -1.62 1.52
CA SER A 178 27.63 -1.71 1.40
C SER A 178 28.10 -1.40 -0.02
N ASP A 179 27.43 -1.94 -1.03
CA ASP A 179 27.85 -1.66 -2.39
C ASP A 179 27.73 -0.17 -2.71
N SER A 180 26.63 0.46 -2.33
CA SER A 180 26.49 1.90 -2.54
C SER A 180 27.61 2.67 -1.86
N LEU A 181 27.94 2.30 -0.62
CA LEU A 181 28.97 3.07 0.10
C LEU A 181 30.34 2.87 -0.55
N ARG A 182 30.61 1.66 -1.05
CA ARG A 182 31.86 1.40 -1.76
C ARG A 182 31.96 2.24 -3.03
N VAL A 183 30.85 2.41 -3.74
CA VAL A 183 30.85 3.26 -4.93
C VAL A 183 31.08 4.72 -4.54
N LEU A 184 30.35 5.19 -3.52
CA LEU A 184 30.49 6.59 -3.13
C LEU A 184 31.87 6.88 -2.56
N GLU A 185 32.50 5.87 -1.96
CA GLU A 185 33.88 6.03 -1.48
C GLU A 185 34.81 6.45 -2.62
N GLN A 186 34.61 5.88 -3.82
CA GLN A 186 35.44 6.24 -4.96
C GLN A 186 35.23 7.70 -5.36
N VAL A 187 33.97 8.14 -5.42
CA VAL A 187 33.66 9.54 -5.75
C VAL A 187 34.21 10.48 -4.69
N ALA A 188 34.01 10.13 -3.42
CA ALA A 188 34.49 10.98 -2.34
C ALA A 188 36.00 11.13 -2.39
N ALA A 189 36.72 10.06 -2.72
CA ALA A 189 38.16 10.16 -2.85
C ALA A 189 38.54 11.09 -3.99
N ARG A 190 37.84 11.02 -5.11
CA ARG A 190 38.15 11.89 -6.24
C ARG A 190 37.87 13.35 -5.92
N THR A 191 36.77 13.63 -5.22
CA THR A 191 36.30 14.99 -5.03
C THR A 191 36.78 15.63 -3.73
N GLY A 192 37.40 14.86 -2.85
CA GLY A 192 37.83 15.39 -1.57
C GLY A 192 36.67 15.64 -0.62
N THR A 193 35.59 14.89 -0.75
CA THR A 193 34.41 15.05 0.09
C THR A 193 34.22 13.81 0.96
N VAL A 194 33.19 13.85 1.79
CA VAL A 194 32.87 12.77 2.71
C VAL A 194 31.39 12.44 2.57
N VAL A 195 31.03 11.18 2.80
CA VAL A 195 29.64 10.76 2.94
C VAL A 195 29.36 10.63 4.43
N TYR A 196 28.38 11.37 4.93
CA TYR A 196 27.94 11.26 6.32
C TYR A 196 26.73 10.34 6.37
N LEU A 197 26.90 9.17 6.99
CA LEU A 197 25.89 8.13 7.05
C LEU A 197 25.03 8.34 8.30
N GLU A 198 23.72 8.54 8.09
CA GLU A 198 22.84 8.94 9.20
C GLU A 198 21.94 7.80 9.64
N PRO A 199 22.06 7.32 10.88
CA PRO A 199 21.02 6.45 11.45
C PRO A 199 19.74 7.24 11.66
N LEU A 200 18.62 6.67 11.22
CA LEU A 200 17.30 7.22 11.48
C LEU A 200 16.56 6.34 12.48
N ASN A 201 15.52 6.89 13.11
CA ASN A 201 14.78 6.06 14.04
C ASN A 201 14.07 4.92 13.28
N ARG A 202 13.69 3.89 14.05
CA ARG A 202 13.15 2.65 13.53
C ARG A 202 11.90 2.84 12.65
N TYR A 203 11.18 3.95 12.81
CA TYR A 203 9.97 4.14 12.00
C TYR A 203 10.29 4.67 10.62
N GLN A 204 11.40 5.38 10.47
CA GLN A 204 11.78 5.98 9.20
C GLN A 204 12.65 5.04 8.35
N ASP A 205 13.35 4.08 8.97
CA ASP A 205 14.28 3.23 8.24
C ASP A 205 14.48 1.96 9.06
N HIS A 206 14.52 0.82 8.36
CA HIS A 206 14.76 -0.43 9.06
C HIS A 206 16.23 -0.82 9.15
N MET A 207 17.11 -0.16 8.39
CA MET A 207 18.46 -0.67 8.16
C MET A 207 19.50 -0.11 9.14
N ILE A 208 19.44 1.19 9.46
CA ILE A 208 20.45 1.83 10.28
C ILE A 208 19.75 2.73 11.28
N ASN A 209 19.72 2.30 12.55
CA ASN A 209 19.00 3.02 13.60
C ASN A 209 19.90 3.61 14.68
N THR A 210 21.06 3.02 14.95
CA THR A 210 21.97 3.50 15.99
C THR A 210 23.31 3.90 15.37
N LEU A 211 24.08 4.71 16.12
CA LEU A 211 25.44 5.02 15.70
C LEU A 211 26.25 3.75 15.48
N ALA A 212 26.07 2.75 16.34
CA ALA A 212 26.77 1.48 16.18
C ALA A 212 26.41 0.80 14.86
N ASP A 213 25.17 0.93 14.39
CA ASP A 213 24.82 0.39 13.07
C ASP A 213 25.64 1.04 11.97
N ALA A 214 25.69 2.38 11.95
CA ALA A 214 26.48 3.05 10.94
C ALA A 214 27.95 2.69 11.07
N ARG A 215 28.45 2.60 12.30
CA ARG A 215 29.85 2.22 12.53
C ARG A 215 30.17 0.87 11.89
N ARG A 216 29.25 -0.08 12.01
CA ARG A 216 29.47 -1.41 11.43
C ARG A 216 29.68 -1.31 9.92
N TYR A 217 28.84 -0.54 9.26
CA TYR A 217 29.00 -0.43 7.79
C TYR A 217 30.37 0.15 7.48
N ILE A 218 30.77 1.17 8.21
CA ILE A 218 32.04 1.84 7.90
C ILE A 218 33.21 0.92 8.20
N VAL A 219 33.20 0.28 9.36
CA VAL A 219 34.35 -0.54 9.79
C VAL A 219 34.43 -1.82 8.98
N GLU A 220 33.30 -2.48 8.74
CA GLU A 220 33.37 -3.79 8.09
C GLU A 220 33.68 -3.67 6.61
N ASN A 221 33.39 -2.53 5.99
CA ASN A 221 33.82 -2.26 4.63
C ASN A 221 35.13 -1.50 4.58
N ASP A 222 35.73 -1.22 5.74
CA ASP A 222 36.99 -0.49 5.84
C ASP A 222 36.96 0.80 5.02
N LEU A 223 35.87 1.56 5.17
CA LEU A 223 35.72 2.80 4.42
C LEU A 223 36.48 3.93 5.09
N LYS A 224 37.09 4.78 4.28
CA LYS A 224 37.88 5.88 4.78
C LYS A 224 37.27 7.24 4.50
N HIS A 225 36.25 7.30 3.66
CA HIS A 225 35.58 8.55 3.32
C HIS A 225 34.10 8.53 3.70
N VAL A 226 33.71 7.64 4.59
CA VAL A 226 32.35 7.59 5.11
C VAL A 226 32.44 7.75 6.62
N GLN A 227 31.77 8.77 7.15
CA GLN A 227 31.75 9.04 8.57
C GLN A 227 30.33 8.97 9.07
N ILE A 228 30.18 9.00 10.37
CA ILE A 228 28.86 8.94 11.01
C ILE A 228 28.35 10.35 11.22
N ILE A 229 27.05 10.48 11.03
CA ILE A 229 26.34 11.72 11.43
C ILE A 229 25.30 11.30 12.47
N GLY A 230 25.40 11.83 13.67
CA GLY A 230 24.43 11.56 14.73
C GLY A 230 23.39 12.66 14.78
N ASP A 231 22.13 12.26 14.90
CA ASP A 231 20.99 13.17 14.92
C ASP A 231 20.34 13.06 16.29
N PHE A 232 20.36 14.17 17.07
CA PHE A 232 19.90 14.12 18.46
C PHE A 232 18.48 13.56 18.55
N TYR A 233 17.62 13.92 17.60
CA TYR A 233 16.22 13.48 17.64
C TYR A 233 16.11 11.97 17.45
N HIS A 234 16.78 11.42 16.43
CA HIS A 234 16.75 9.97 16.25
C HIS A 234 17.46 9.25 17.39
N MET A 235 18.54 9.84 17.86
CA MET A 235 19.33 9.19 18.94
C MET A 235 18.49 9.12 20.21
N ASN A 236 17.66 10.13 20.44
CA ASN A 236 16.84 10.17 21.64
C ASN A 236 15.89 8.98 21.69
N ILE A 237 15.53 8.43 20.54
CA ILE A 237 14.74 7.21 20.48
C ILE A 237 15.62 5.97 20.54
N GLU A 238 16.75 5.93 19.82
CA GLU A 238 17.40 4.65 19.54
C GLU A 238 18.57 4.31 20.45
N GLU A 239 19.27 5.30 21.01
CA GLU A 239 20.51 5.02 21.73
C GLU A 239 20.25 4.64 23.19
N ASP A 240 21.12 3.78 23.73
CA ASP A 240 21.09 3.46 25.15
C ASP A 240 21.51 4.65 26.01
N ASN A 241 22.35 5.52 25.47
CA ASN A 241 22.95 6.62 26.22
C ASN A 241 23.53 7.57 25.20
N LEU A 242 22.90 8.74 25.03
CA LEU A 242 23.25 9.62 23.91
C LEU A 242 24.70 10.11 24.03
N ALA A 243 25.05 10.66 25.20
CA ALA A 243 26.41 11.17 25.40
C ALA A 243 27.44 10.05 25.22
N GLN A 244 27.14 8.86 25.74
CA GLN A 244 28.08 7.76 25.60
C GLN A 244 28.24 7.34 24.15
N ALA A 245 27.16 7.39 23.37
CA ALA A 245 27.24 7.06 21.94
C ALA A 245 28.10 8.07 21.20
N LEU A 246 27.94 9.36 21.50
CA LEU A 246 28.82 10.37 20.91
C LEU A 246 30.28 10.11 21.27
N HIS A 247 30.54 9.75 22.53
CA HIS A 247 31.91 9.53 22.97
C HIS A 247 32.52 8.29 22.30
N ASP A 248 31.81 7.16 22.36
CA ASP A 248 32.33 5.91 21.84
C ASP A 248 32.61 5.96 20.35
N ASN A 249 31.95 6.87 19.64
CA ASN A 249 32.12 6.97 18.19
C ASN A 249 32.85 8.25 17.80
N ARG A 250 33.57 8.88 18.72
CA ARG A 250 34.24 10.14 18.39
C ARG A 250 35.25 9.97 17.27
N ASP A 251 35.75 8.76 17.05
CA ASP A 251 36.73 8.54 15.98
C ASP A 251 36.10 8.62 14.61
N LEU A 252 34.79 8.41 14.50
CA LEU A 252 34.10 8.42 13.21
C LEU A 252 32.99 9.45 13.12
N LEU A 253 32.66 10.16 14.21
CA LEU A 253 31.58 11.15 14.19
C LEU A 253 32.03 12.41 13.47
N GLY A 254 31.53 12.63 12.27
CA GLY A 254 31.98 13.75 11.47
C GLY A 254 31.01 14.91 11.36
N HIS A 255 29.77 14.70 11.79
CA HIS A 255 28.71 15.69 11.59
C HIS A 255 27.61 15.37 12.59
N VAL A 256 26.81 16.40 12.93
CA VAL A 256 25.75 16.26 13.92
C VAL A 256 24.51 17.02 13.45
N HIS A 257 23.34 16.38 13.59
CA HIS A 257 22.05 17.03 13.42
C HIS A 257 21.42 17.26 14.78
N ILE A 258 20.77 18.42 14.95
CA ILE A 258 20.12 18.73 16.22
C ILE A 258 18.67 19.14 15.99
N ALA A 259 17.83 18.70 16.92
CA ALA A 259 16.44 19.10 17.07
C ALA A 259 16.06 18.65 18.47
N ASP A 260 14.93 19.13 18.97
CA ASP A 260 14.56 18.68 20.30
C ASP A 260 13.87 17.31 20.20
N ASN A 261 13.43 16.80 21.35
CA ASN A 261 12.96 15.42 21.41
C ASN A 261 11.72 15.19 20.54
N HIS A 262 10.91 16.22 20.32
CA HIS A 262 9.72 16.12 19.49
C HIS A 262 9.94 16.68 18.09
N ARG A 263 11.21 16.86 17.70
CA ARG A 263 11.66 17.31 16.39
C ARG A 263 11.50 18.82 16.20
N TYR A 264 11.04 19.57 17.20
CA TYR A 264 10.85 21.00 17.02
C TYR A 264 12.12 21.76 17.44
N GLN A 265 12.05 23.10 17.47
CA GLN A 265 13.25 23.91 17.61
C GLN A 265 13.91 23.67 18.96
N PRO A 266 15.25 23.64 19.00
CA PRO A 266 15.94 23.34 20.27
C PRO A 266 15.52 24.29 21.39
N GLY A 267 15.28 23.72 22.56
CA GLY A 267 14.79 24.45 23.70
C GLY A 267 13.29 24.34 23.92
N SER A 268 12.52 23.94 22.90
CA SER A 268 11.09 23.79 23.07
C SER A 268 10.69 22.43 23.64
N GLY A 269 11.65 21.52 23.79
CA GLY A 269 11.45 20.23 24.43
C GLY A 269 12.34 20.07 25.64
N THR A 270 12.83 18.87 25.92
CA THR A 270 13.67 18.73 27.13
C THR A 270 14.99 18.02 26.85
N LEU A 271 15.45 17.97 25.61
CA LEU A 271 16.77 17.40 25.37
C LEU A 271 17.83 18.27 26.03
N ASP A 272 18.76 17.62 26.75
CA ASP A 272 19.80 18.34 27.49
C ASP A 272 20.91 18.73 26.51
N PHE A 273 20.66 19.80 25.77
CA PHE A 273 21.63 20.26 24.78
C PHE A 273 22.95 20.65 25.43
N HIS A 274 22.89 21.25 26.62
CA HIS A 274 24.13 21.62 27.30
C HIS A 274 24.99 20.40 27.61
N ALA A 275 24.38 19.32 28.11
CA ALA A 275 25.15 18.12 28.43
C ALA A 275 25.78 17.53 27.18
N LEU A 276 25.01 17.44 26.09
CA LEU A 276 25.56 16.84 24.88
C LEU A 276 26.63 17.72 24.25
N PHE A 277 26.44 19.04 24.30
CA PHE A 277 27.49 19.95 23.83
C PHE A 277 28.75 19.79 24.67
N GLU A 278 28.60 19.60 25.99
CA GLU A 278 29.76 19.37 26.83
C GLU A 278 30.48 18.08 26.44
N GLN A 279 29.71 17.05 26.10
CA GLN A 279 30.33 15.81 25.64
C GLN A 279 31.13 16.05 24.37
N LEU A 280 30.55 16.77 23.41
CA LEU A 280 31.28 17.08 22.18
C LEU A 280 32.53 17.89 22.48
N ARG A 281 32.44 18.83 23.41
CA ARG A 281 33.61 19.62 23.80
C ARG A 281 34.69 18.73 24.43
N ALA A 282 34.29 17.86 25.34
CA ALA A 282 35.26 16.96 25.96
C ALA A 282 35.96 16.09 24.93
N ASP A 283 35.26 15.71 23.87
CA ASP A 283 35.83 14.89 22.82
C ASP A 283 36.56 15.71 21.76
N ASN A 284 36.59 17.03 21.92
CA ASN A 284 37.20 17.94 20.95
C ASN A 284 36.56 17.83 19.57
N TYR A 285 35.22 17.78 19.54
CA TYR A 285 34.49 17.67 18.29
C TYR A 285 34.82 18.84 17.36
N GLN A 286 35.14 18.50 16.10
CA GLN A 286 35.61 19.47 15.12
C GLN A 286 34.53 20.00 14.20
N GLY A 287 33.39 19.32 14.09
CA GLY A 287 32.43 19.61 13.05
C GLY A 287 31.36 20.62 13.44
N TYR A 288 30.30 20.64 12.64
CA TYR A 288 29.15 21.48 12.89
C TYR A 288 28.04 20.68 13.57
N VAL A 289 27.15 21.39 14.24
CA VAL A 289 25.84 20.86 14.62
C VAL A 289 24.80 21.65 13.83
N VAL A 290 23.93 20.93 13.12
CA VAL A 290 23.07 21.55 12.11
C VAL A 290 21.61 21.26 12.46
N TYR A 291 20.78 22.31 12.45
CA TYR A 291 19.35 22.16 12.65
C TYR A 291 18.75 21.30 11.54
N GLU A 292 18.10 20.20 11.92
CA GLU A 292 17.23 19.45 11.01
C GLU A 292 15.95 19.15 11.78
N GLY A 293 14.82 19.62 11.27
CA GLY A 293 13.59 19.37 12.01
C GLY A 293 12.54 20.41 11.67
N ARG A 294 11.53 20.47 12.55
CA ARG A 294 10.34 21.26 12.28
C ARG A 294 10.25 22.43 13.26
N ILE A 295 9.28 23.31 13.01
CA ILE A 295 9.05 24.47 13.85
C ILE A 295 7.60 24.47 14.29
N ARG A 296 7.37 24.60 15.58
CA ARG A 296 6.02 24.70 16.16
C ARG A 296 5.98 26.03 16.91
N ALA A 297 5.34 27.03 16.31
CA ALA A 297 5.32 28.37 16.89
C ALA A 297 4.35 29.25 16.11
N GLU A 298 3.76 30.22 16.82
CA GLU A 298 2.97 31.24 16.14
C GLU A 298 3.82 32.14 15.26
N ASP A 299 5.04 32.45 15.70
CA ASP A 299 6.00 33.25 14.95
C ASP A 299 7.22 32.40 14.68
N PRO A 300 7.26 31.70 13.53
CA PRO A 300 8.38 30.76 13.27
C PRO A 300 9.75 31.43 13.30
N ALA A 301 9.91 32.56 12.60
CA ALA A 301 11.23 33.20 12.55
C ALA A 301 11.70 33.61 13.94
N GLN A 302 10.80 34.13 14.77
CA GLN A 302 11.22 34.54 16.12
C GLN A 302 11.57 33.33 16.98
N ALA A 303 10.79 32.26 16.86
CA ALA A 303 11.13 31.06 17.62
C ALA A 303 12.48 30.48 17.18
N TYR A 304 12.78 30.59 15.88
CA TYR A 304 14.06 30.09 15.38
C TYR A 304 15.21 30.93 15.95
N ARG A 305 15.10 32.25 15.89
CA ARG A 305 16.14 33.11 16.46
C ARG A 305 16.29 32.86 17.96
N ASP A 306 15.17 32.76 18.69
CA ASP A 306 15.26 32.53 20.12
C ASP A 306 15.92 31.19 20.44
N SER A 307 15.60 30.15 19.66
CA SER A 307 16.25 28.87 19.92
C SER A 307 17.76 28.98 19.74
N LEU A 308 18.21 29.65 18.68
CA LEU A 308 19.64 29.77 18.44
C LEU A 308 20.30 30.57 19.57
N ALA A 309 19.71 31.71 19.94
CA ALA A 309 20.24 32.50 21.04
C ALA A 309 20.34 31.67 22.31
N TRP A 310 19.33 30.84 22.58
CA TRP A 310 19.41 29.98 23.77
C TRP A 310 20.51 28.94 23.62
N LEU A 311 20.68 28.37 22.42
CA LEU A 311 21.72 27.37 22.22
C LEU A 311 23.12 27.95 22.45
N ARG A 312 23.31 29.22 22.14
CA ARG A 312 24.59 29.87 22.38
C ARG A 312 25.01 29.85 23.84
N THR A 313 24.06 29.69 24.76
CA THR A 313 24.36 29.59 26.18
C THR A 313 24.56 28.15 26.62
N CYS A 314 24.44 27.18 25.71
CA CYS A 314 24.72 25.79 26.02
C CYS A 314 26.16 25.42 25.65
N LYS B 51 8.62 5.23 49.02
CA LYS B 51 7.17 5.46 48.95
C LYS B 51 6.47 4.37 48.13
N LYS B 52 7.20 3.84 47.15
CA LYS B 52 6.88 2.57 46.49
C LYS B 52 5.71 2.66 45.52
N MET B 53 5.90 2.11 44.32
CA MET B 53 4.91 2.13 43.26
C MET B 53 4.33 0.74 43.04
N LYS B 54 3.10 0.70 42.54
CA LYS B 54 2.48 -0.53 42.10
C LYS B 54 2.87 -0.74 40.65
N ILE B 55 3.64 -1.81 40.38
CA ILE B 55 4.24 -2.03 39.08
C ILE B 55 3.69 -3.32 38.49
N GLY B 56 3.07 -3.23 37.31
CA GLY B 56 2.57 -4.38 36.60
C GLY B 56 3.25 -4.56 35.25
N THR B 57 2.77 -5.56 34.52
CA THR B 57 3.34 -5.85 33.21
C THR B 57 2.27 -6.41 32.28
N GLN B 58 2.42 -6.13 30.99
CA GLN B 58 1.73 -6.89 29.97
C GLN B 58 2.40 -8.25 29.79
N ASN B 59 1.79 -9.11 28.98
CA ASN B 59 2.36 -10.40 28.66
C ASN B 59 3.62 -10.25 27.79
N GLN B 60 4.57 -11.16 27.99
CA GLN B 60 5.75 -11.27 27.14
C GLN B 60 5.87 -12.70 26.65
N ALA B 61 6.53 -12.87 25.49
CA ALA B 61 6.54 -14.16 24.82
C ALA B 61 7.13 -15.27 25.69
N PHE B 62 8.08 -14.94 26.57
CA PHE B 62 8.68 -15.97 27.40
C PHE B 62 7.86 -16.31 28.64
N PHE B 63 6.76 -15.60 28.90
CA PHE B 63 5.87 -15.98 29.98
C PHE B 63 5.24 -17.34 29.69
N PRO B 64 4.94 -18.13 30.72
CA PRO B 64 4.18 -19.36 30.50
C PRO B 64 2.86 -19.08 29.80
N GLU B 65 2.45 -20.00 28.92
CA GLU B 65 1.19 -19.78 28.22
C GLU B 65 -0.01 -20.20 29.07
N ASN B 66 0.13 -21.21 29.91
CA ASN B 66 -0.97 -21.61 30.78
C ASN B 66 -1.29 -20.49 31.76
N ILE B 67 -2.58 -20.15 31.84
CA ILE B 67 -3.00 -18.95 32.55
C ILE B 67 -2.57 -19.01 34.01
N LEU B 68 -2.83 -20.13 34.69
CA LEU B 68 -2.43 -20.23 36.10
C LEU B 68 -0.92 -20.12 36.25
N GLU B 69 -0.17 -20.82 35.41
CA GLU B 69 1.29 -20.74 35.47
C GLU B 69 1.76 -19.32 35.17
N LYS B 70 1.13 -18.67 34.18
CA LYS B 70 1.52 -17.30 33.83
C LYS B 70 1.35 -16.36 35.03
N PHE B 71 0.20 -16.45 35.71
CA PHE B 71 -0.03 -15.62 36.89
C PHE B 71 0.98 -15.93 37.98
N ARG B 72 1.22 -17.23 38.24
CA ARG B 72 2.25 -17.61 39.20
C ARG B 72 3.59 -16.98 38.83
N TYR B 73 3.98 -17.15 37.57
CA TYR B 73 5.29 -16.67 37.12
C TYR B 73 5.41 -15.16 37.30
N ILE B 74 4.39 -14.40 36.90
CA ILE B 74 4.45 -12.95 37.02
C ILE B 74 4.56 -12.54 38.48
N LYS B 75 3.77 -13.17 39.35
CA LYS B 75 3.84 -12.87 40.78
C LYS B 75 5.23 -13.17 41.34
N GLU B 76 5.83 -14.27 40.92
CA GLU B 76 7.14 -14.65 41.44
C GLU B 76 8.24 -13.69 41.01
N MET B 77 8.16 -13.13 39.79
CA MET B 77 9.13 -12.11 39.40
C MET B 77 9.02 -10.86 40.26
N GLY B 78 7.91 -10.65 40.94
CA GLY B 78 7.74 -9.51 41.82
C GLY B 78 6.74 -8.46 41.38
N PHE B 79 6.02 -8.68 40.28
CA PHE B 79 5.07 -7.69 39.79
C PHE B 79 3.81 -7.65 40.65
N ASP B 80 3.15 -6.50 40.65
CA ASP B 80 1.95 -6.27 41.45
C ASP B 80 0.66 -6.45 40.68
N GLY B 81 0.72 -6.62 39.36
CA GLY B 81 -0.50 -6.78 38.58
C GLY B 81 -0.18 -7.21 37.17
N PHE B 82 -1.23 -7.64 36.46
CA PHE B 82 -1.15 -8.13 35.10
C PHE B 82 -2.11 -7.32 34.23
N GLU B 83 -1.59 -6.77 33.14
CA GLU B 83 -2.42 -6.09 32.13
C GLU B 83 -2.61 -7.08 30.98
N ILE B 84 -3.84 -7.59 30.84
CA ILE B 84 -4.11 -8.78 30.04
C ILE B 84 -4.60 -8.38 28.65
N ASP B 85 -4.33 -9.24 27.67
CA ASP B 85 -4.92 -9.09 26.35
C ASP B 85 -6.44 -9.23 26.45
N GLY B 86 -7.16 -8.34 25.78
CA GLY B 86 -8.61 -8.32 25.92
C GLY B 86 -9.27 -9.60 25.45
N LYS B 87 -8.74 -10.19 24.38
CA LYS B 87 -9.30 -11.43 23.85
C LYS B 87 -8.95 -12.62 24.74
N LEU B 88 -7.71 -12.69 25.23
CA LEU B 88 -7.37 -13.71 26.20
C LEU B 88 -8.31 -13.67 27.40
N LEU B 89 -8.59 -12.46 27.91
CA LEU B 89 -9.47 -12.30 29.05
C LEU B 89 -10.88 -12.78 28.74
N VAL B 90 -11.47 -12.27 27.65
CA VAL B 90 -12.86 -12.58 27.33
C VAL B 90 -13.05 -14.07 27.11
N ASN B 91 -12.11 -14.73 26.44
CA ASN B 91 -12.28 -16.14 26.12
C ASN B 91 -11.91 -17.07 27.27
N ASN B 92 -11.42 -16.55 28.39
CA ASN B 92 -10.95 -17.40 29.49
C ASN B 92 -11.27 -16.78 30.84
N ILE B 93 -12.49 -16.26 31.00
CA ILE B 93 -12.84 -15.49 32.20
C ILE B 93 -12.71 -16.36 33.45
N GLU B 94 -13.28 -17.57 33.42
CA GLU B 94 -13.25 -18.42 34.60
C GLU B 94 -11.82 -18.82 34.97
N GLU B 95 -11.02 -19.20 33.97
CA GLU B 95 -9.61 -19.52 34.24
C GLU B 95 -8.89 -18.33 34.85
N VAL B 96 -9.17 -17.13 34.34
CA VAL B 96 -8.54 -15.93 34.86
C VAL B 96 -8.99 -15.66 36.29
N LYS B 97 -10.28 -15.85 36.57
CA LYS B 97 -10.78 -15.65 37.93
C LYS B 97 -10.12 -16.63 38.89
N ALA B 98 -10.01 -17.90 38.48
CA ALA B 98 -9.34 -18.89 39.31
C ALA B 98 -7.89 -18.50 39.58
N ALA B 99 -7.19 -18.02 38.56
CA ALA B 99 -5.78 -17.68 38.72
C ALA B 99 -5.60 -16.48 39.64
N ILE B 100 -6.47 -15.46 39.52
CA ILE B 100 -6.43 -14.33 40.43
C ILE B 100 -6.62 -14.80 41.87
N LYS B 101 -7.59 -15.68 42.10
CA LYS B 101 -7.89 -16.14 43.45
C LYS B 101 -6.71 -16.93 44.02
N GLU B 102 -6.19 -17.88 43.24
CA GLU B 102 -5.13 -18.75 43.73
C GLU B 102 -3.84 -17.98 43.98
N THR B 103 -3.49 -17.04 43.10
CA THR B 103 -2.20 -16.36 43.22
C THR B 103 -2.28 -15.04 43.97
N GLY B 104 -3.44 -14.40 44.03
CA GLY B 104 -3.49 -13.05 44.55
C GLY B 104 -2.97 -11.99 43.61
N LEU B 105 -2.62 -12.34 42.38
CA LEU B 105 -2.16 -11.37 41.40
C LEU B 105 -3.36 -10.83 40.63
N PRO B 106 -3.68 -9.55 40.75
CA PRO B 106 -4.87 -9.02 40.06
C PRO B 106 -4.63 -8.74 38.59
N VAL B 107 -5.70 -8.84 37.82
CA VAL B 107 -5.76 -8.19 36.52
C VAL B 107 -6.08 -6.72 36.75
N THR B 108 -5.15 -5.84 36.39
CA THR B 108 -5.34 -4.42 36.62
C THR B 108 -6.15 -3.76 35.51
N THR B 109 -5.94 -4.21 34.29
CA THR B 109 -6.37 -3.52 33.08
C THR B 109 -6.34 -4.54 31.95
N ALA B 110 -7.00 -4.19 30.84
CA ALA B 110 -6.80 -4.92 29.60
C ALA B 110 -6.24 -3.97 28.54
N CYS B 111 -5.65 -4.55 27.51
CA CYS B 111 -5.11 -3.80 26.40
C CYS B 111 -5.22 -4.68 25.16
N GLY B 112 -5.64 -4.11 24.05
CA GLY B 112 -5.79 -4.91 22.84
C GLY B 112 -6.91 -5.93 22.94
N GLY B 113 -6.97 -6.79 21.92
CA GLY B 113 -7.94 -7.86 21.88
C GLY B 113 -9.19 -7.61 21.05
N TYR B 114 -9.22 -6.52 20.29
CA TYR B 114 -10.36 -6.17 19.46
C TYR B 114 -9.84 -5.80 18.08
N ASP B 115 -10.68 -6.00 17.06
CA ASP B 115 -10.35 -5.71 15.67
CA ASP B 115 -10.34 -5.72 15.67
C ASP B 115 -11.20 -4.53 15.22
N GLY B 116 -10.58 -3.36 15.13
CA GLY B 116 -11.27 -2.15 14.74
C GLY B 116 -11.01 -1.03 15.74
N TRP B 117 -10.32 0.02 15.30
CA TRP B 117 -9.89 1.09 16.19
C TRP B 117 -11.05 2.05 16.48
N ILE B 118 -10.99 2.70 17.64
CA ILE B 118 -12.07 3.64 17.96
C ILE B 118 -12.09 4.80 17.00
N GLY B 119 -10.97 5.08 16.33
CA GLY B 119 -10.94 6.07 15.26
C GLY B 119 -10.74 5.47 13.88
N ASP B 120 -11.19 4.23 13.69
CA ASP B 120 -10.93 3.51 12.44
C ASP B 120 -11.44 4.28 11.23
N PHE B 121 -10.65 4.25 10.15
CA PHE B 121 -11.09 4.82 8.88
C PHE B 121 -12.33 4.11 8.33
N ILE B 122 -12.48 2.81 8.62
CA ILE B 122 -13.58 2.00 8.09
C ILE B 122 -14.68 1.92 9.13
N GLU B 123 -15.87 2.42 8.80
CA GLU B 123 -16.91 2.53 9.80
C GLU B 123 -17.31 1.17 10.37
N GLU B 124 -17.46 0.15 9.51
CA GLU B 124 -17.84 -1.15 10.02
C GLU B 124 -16.83 -1.68 11.02
N ARG B 125 -15.54 -1.44 10.77
CA ARG B 125 -14.49 -1.87 11.70
C ARG B 125 -14.58 -1.11 13.02
N ARG B 126 -14.78 0.20 12.96
CA ARG B 126 -14.95 0.97 14.19
C ARG B 126 -16.08 0.41 15.04
N LEU B 127 -17.23 0.16 14.41
CA LEU B 127 -18.41 -0.31 15.13
C LEU B 127 -18.20 -1.72 15.67
N ASN B 128 -17.59 -2.61 14.88
CA ASN B 128 -17.28 -3.94 15.40
C ASN B 128 -16.31 -3.84 16.58
N GLY B 129 -15.32 -2.96 16.49
CA GLY B 129 -14.40 -2.78 17.61
C GLY B 129 -15.12 -2.37 18.88
N LEU B 130 -16.09 -1.46 18.77
CA LEU B 130 -16.82 -1.02 19.95
C LEU B 130 -17.56 -2.19 20.61
N LYS B 131 -18.16 -3.08 19.81
CA LYS B 131 -18.84 -4.23 20.37
C LYS B 131 -17.86 -5.14 21.11
N GLN B 132 -16.66 -5.33 20.54
CA GLN B 132 -15.66 -6.15 21.20
C GLN B 132 -15.12 -5.47 22.45
N ILE B 133 -14.89 -4.14 22.39
CA ILE B 133 -14.42 -3.44 23.58
C ILE B 133 -15.47 -3.50 24.69
N GLU B 134 -16.75 -3.43 24.33
CA GLU B 134 -17.80 -3.59 25.34
C GLU B 134 -17.67 -4.94 26.05
N ARG B 135 -17.46 -6.01 25.29
CA ARG B 135 -17.31 -7.32 25.92
C ARG B 135 -16.09 -7.36 26.82
N ILE B 136 -15.00 -6.69 26.40
CA ILE B 136 -13.81 -6.65 27.25
C ILE B 136 -14.08 -5.90 28.54
N LEU B 137 -14.82 -4.78 28.46
CA LEU B 137 -15.13 -4.03 29.67
C LEU B 137 -16.02 -4.84 30.61
N GLU B 138 -16.94 -5.63 30.05
CA GLU B 138 -17.75 -6.51 30.88
C GLU B 138 -16.88 -7.56 31.57
N ALA B 139 -15.96 -8.16 30.82
CA ALA B 139 -15.05 -9.15 31.40
C ALA B 139 -14.19 -8.54 32.50
N LEU B 140 -13.72 -7.31 32.29
CA LEU B 140 -12.93 -6.64 33.32
C LEU B 140 -13.73 -6.46 34.61
N ALA B 141 -15.00 -6.05 34.49
CA ALA B 141 -15.81 -5.89 35.69
C ALA B 141 -15.94 -7.22 36.44
N GLU B 142 -16.06 -8.32 35.70
CA GLU B 142 -16.23 -9.63 36.33
C GLU B 142 -14.99 -10.09 37.06
N VAL B 143 -13.79 -9.63 36.66
CA VAL B 143 -12.56 -10.08 37.31
C VAL B 143 -11.95 -9.00 38.18
N GLY B 144 -12.59 -7.84 38.30
CA GLY B 144 -12.06 -6.79 39.13
C GLY B 144 -11.04 -5.88 38.48
N GLY B 145 -10.86 -5.95 37.16
CA GLY B 145 -10.01 -5.00 36.49
C GLY B 145 -10.64 -3.62 36.39
N LYS B 146 -9.79 -2.61 36.27
CA LYS B 146 -10.26 -1.23 36.31
C LYS B 146 -10.73 -0.71 34.96
N GLY B 147 -10.10 -1.10 33.85
CA GLY B 147 -10.51 -0.53 32.58
C GLY B 147 -9.63 -1.02 31.44
N ILE B 148 -9.91 -0.49 30.26
CA ILE B 148 -9.22 -0.91 29.04
C ILE B 148 -8.39 0.25 28.51
N VAL B 149 -7.19 -0.06 28.03
CA VAL B 149 -6.31 0.90 27.41
C VAL B 149 -6.55 0.85 25.90
N VAL B 150 -6.90 2.00 25.30
CA VAL B 150 -7.06 2.06 23.85
C VAL B 150 -6.40 3.32 23.28
N PRO B 151 -5.73 3.22 22.13
CA PRO B 151 -5.34 4.41 21.39
C PRO B 151 -6.47 4.77 20.42
N ALA B 152 -6.32 5.91 19.77
CA ALA B 152 -7.25 6.23 18.68
C ALA B 152 -7.14 5.19 17.57
N ALA B 153 -5.92 4.73 17.30
CA ALA B 153 -5.61 3.69 16.31
C ALA B 153 -4.12 3.40 16.45
N TRP B 154 -3.70 2.25 15.91
CA TRP B 154 -2.29 1.91 15.76
C TRP B 154 -2.03 1.38 14.35
N GLY B 155 -0.93 1.82 13.74
CA GLY B 155 -0.47 1.22 12.49
C GLY B 155 -1.39 1.43 11.30
N MET B 156 -2.37 2.32 11.42
CA MET B 156 -3.36 2.67 10.41
C MET B 156 -2.89 3.82 9.53
N PHE B 157 -2.37 4.88 10.14
CA PHE B 157 -1.96 6.05 9.38
C PHE B 157 -1.02 6.89 10.21
N THR B 158 -0.10 7.56 9.53
CA THR B 158 0.75 8.58 10.14
C THR B 158 0.98 9.71 9.13
N PHE B 159 0.98 10.95 9.62
CA PHE B 159 1.32 12.06 8.75
C PHE B 159 2.79 12.08 8.35
N ARG B 160 3.63 11.31 9.03
CA ARG B 160 5.07 11.47 8.94
C ARG B 160 5.74 10.47 8.02
N LEU B 161 5.00 9.52 7.44
CA LEU B 161 5.54 8.53 6.51
C LEU B 161 4.56 8.36 5.37
N PRO B 162 5.05 8.00 4.18
CA PRO B 162 4.13 7.82 3.03
C PRO B 162 3.12 6.72 3.29
N PRO B 163 1.86 6.88 2.83
CA PRO B 163 1.35 8.03 2.10
C PRO B 163 1.16 9.24 3.00
N MET B 164 1.53 10.42 2.51
CA MET B 164 1.56 11.61 3.36
C MET B 164 0.18 12.25 3.56
N THR B 165 -0.80 11.95 2.70
CA THR B 165 -2.09 12.61 2.76
C THR B 165 -3.13 11.70 3.41
N SER B 166 -3.79 12.20 4.45
CA SER B 166 -4.81 11.41 5.12
C SER B 166 -6.07 11.36 4.25
N PRO B 167 -6.77 10.21 4.22
CA PRO B 167 -8.02 10.14 3.45
C PRO B 167 -9.20 10.79 4.15
N ARG B 168 -9.04 11.26 5.38
CA ARG B 168 -10.12 11.81 6.18
C ARG B 168 -9.65 13.14 6.76
N SER B 169 -10.57 14.11 6.83
CA SER B 169 -10.26 15.41 7.41
C SER B 169 -10.02 15.30 8.91
N LEU B 170 -9.41 16.35 9.48
CA LEU B 170 -9.21 16.39 10.92
C LEU B 170 -10.54 16.37 11.65
N ASP B 171 -11.52 17.12 11.16
CA ASP B 171 -12.84 17.12 11.79
C ASP B 171 -13.47 15.74 11.72
N GLY B 172 -13.26 15.03 10.61
CA GLY B 172 -13.74 13.65 10.51
C GLY B 172 -13.08 12.73 11.53
N ASP B 173 -11.76 12.84 11.71
CA ASP B 173 -11.09 12.11 12.80
C ASP B 173 -11.78 12.38 14.13
N ARG B 174 -11.95 13.67 14.45
CA ARG B 174 -12.47 14.05 15.76
C ARG B 174 -13.88 13.53 15.96
N LYS B 175 -14.70 13.54 14.89
CA LYS B 175 -16.08 13.11 15.04
C LYS B 175 -16.16 11.61 15.32
N MET B 176 -15.31 10.83 14.65
CA MET B 176 -15.35 9.39 14.83
C MET B 176 -14.81 8.98 16.20
N VAL B 177 -13.66 9.53 16.60
CA VAL B 177 -13.12 9.23 17.93
C VAL B 177 -14.11 9.67 19.01
N SER B 178 -14.67 10.88 18.87
CA SER B 178 -15.60 11.37 19.89
C SER B 178 -16.84 10.48 19.99
N ASP B 179 -17.39 10.07 18.84
CA ASP B 179 -18.56 9.20 18.88
C ASP B 179 -18.23 7.90 19.59
N SER B 180 -17.09 7.31 19.26
CA SER B 180 -16.65 6.07 19.91
C SER B 180 -16.55 6.26 21.42
N LEU B 181 -15.93 7.35 21.85
CA LEU B 181 -15.75 7.56 23.28
C LEU B 181 -17.08 7.78 23.99
N ARG B 182 -18.00 8.48 23.32
CA ARG B 182 -19.33 8.65 23.97
C ARG B 182 -19.87 7.23 24.19
N VAL B 183 -19.91 6.46 23.11
CA VAL B 183 -20.53 5.14 23.21
C VAL B 183 -19.91 4.35 24.36
N LEU B 184 -18.58 4.34 24.43
CA LEU B 184 -17.90 3.56 25.46
C LEU B 184 -18.17 4.14 26.85
N GLU B 185 -18.30 5.47 26.94
CA GLU B 185 -18.69 6.10 28.20
C GLU B 185 -19.96 5.48 28.78
N GLN B 186 -20.95 5.16 27.92
CA GLN B 186 -22.18 4.53 28.40
C GLN B 186 -21.90 3.14 28.96
N VAL B 187 -21.08 2.35 28.26
CA VAL B 187 -20.73 1.02 28.73
C VAL B 187 -19.93 1.09 30.02
N ALA B 188 -18.98 2.04 30.09
CA ALA B 188 -18.18 2.20 31.29
C ALA B 188 -19.06 2.56 32.49
N ALA B 189 -20.04 3.44 32.28
CA ALA B 189 -20.95 3.77 33.37
C ALA B 189 -21.74 2.54 33.82
N ARG B 190 -22.19 1.71 32.87
CA ARG B 190 -22.96 0.53 33.27
C ARG B 190 -22.11 -0.48 34.05
N THR B 191 -20.86 -0.68 33.61
CA THR B 191 -20.03 -1.76 34.15
C THR B 191 -19.12 -1.32 35.29
N GLY B 192 -19.08 -0.03 35.61
CA GLY B 192 -18.16 0.44 36.62
C GLY B 192 -16.70 0.39 36.23
N THR B 193 -16.39 0.53 34.94
CA THR B 193 -15.03 0.48 34.43
C THR B 193 -14.66 1.86 33.87
N VAL B 194 -13.41 1.95 33.38
CA VAL B 194 -12.86 3.18 32.82
C VAL B 194 -12.26 2.84 31.47
N VAL B 195 -12.30 3.81 30.55
CA VAL B 195 -11.53 3.72 29.32
C VAL B 195 -10.30 4.62 29.48
N TYR B 196 -9.11 4.03 29.33
CA TYR B 196 -7.86 4.77 29.40
C TYR B 196 -7.41 5.08 27.98
N LEU B 197 -7.43 6.37 27.63
CA LEU B 197 -7.14 6.83 26.27
C LEU B 197 -5.66 7.12 26.15
N GLU B 198 -4.98 6.41 25.23
CA GLU B 198 -3.52 6.46 25.13
C GLU B 198 -3.06 7.26 23.93
N PRO B 199 -2.38 8.38 24.14
CA PRO B 199 -1.63 9.00 23.04
C PRO B 199 -0.48 8.11 22.62
N LEU B 200 -0.32 7.93 21.32
CA LEU B 200 0.83 7.23 20.76
C LEU B 200 1.71 8.20 20.00
N ASN B 201 2.96 7.81 19.76
CA ASN B 201 3.81 8.73 19.02
C ASN B 201 3.30 8.89 17.59
N ARG B 202 3.73 9.99 16.96
CA ARG B 202 3.26 10.42 15.63
C ARG B 202 3.40 9.34 14.56
N TYR B 203 4.30 8.37 14.72
CA TYR B 203 4.46 7.34 13.69
C TYR B 203 3.42 6.25 13.80
N GLN B 204 2.91 6.01 15.01
CA GLN B 204 1.93 4.96 15.24
C GLN B 204 0.48 5.43 15.06
N ASP B 205 0.21 6.73 15.20
CA ASP B 205 -1.14 7.25 15.15
C ASP B 205 -1.06 8.73 14.80
N HIS B 206 -1.98 9.20 13.96
CA HIS B 206 -2.01 10.60 13.59
C HIS B 206 -2.94 11.44 14.48
N MET B 207 -3.81 10.81 15.26
CA MET B 207 -4.93 11.48 15.91
C MET B 207 -4.62 12.00 17.31
N ILE B 208 -3.92 11.22 18.14
CA ILE B 208 -3.69 11.56 19.55
C ILE B 208 -2.22 11.26 19.86
N ASN B 209 -1.40 12.31 20.01
CA ASN B 209 0.03 12.14 20.24
C ASN B 209 0.50 12.63 21.60
N THR B 210 -0.16 13.61 22.19
CA THR B 210 0.24 14.18 23.46
C THR B 210 -0.85 13.95 24.50
N LEU B 211 -0.47 14.03 25.77
CA LEU B 211 -1.48 14.00 26.83
C LEU B 211 -2.54 15.07 26.62
N ALA B 212 -2.12 16.24 26.13
CA ALA B 212 -3.08 17.31 25.91
C ALA B 212 -4.08 16.98 24.80
N ASP B 213 -3.66 16.20 23.80
CA ASP B 213 -4.61 15.72 22.78
C ASP B 213 -5.69 14.86 23.43
N ALA B 214 -5.29 13.91 24.26
CA ALA B 214 -6.26 13.05 24.94
C ALA B 214 -7.15 13.88 25.87
N ARG B 215 -6.56 14.84 26.57
CA ARG B 215 -7.34 15.73 27.44
C ARG B 215 -8.41 16.47 26.65
N ARG B 216 -8.01 16.98 25.48
CA ARG B 216 -9.05 17.66 24.69
C ARG B 216 -10.24 16.71 24.63
N TYR B 217 -10.05 15.54 23.98
CA TYR B 217 -11.18 14.65 23.72
C TYR B 217 -12.04 14.47 24.95
N ILE B 218 -11.41 14.29 26.12
CA ILE B 218 -12.14 14.04 27.34
C ILE B 218 -12.90 15.28 27.77
N VAL B 219 -12.25 16.43 27.76
CA VAL B 219 -12.86 17.65 28.26
C VAL B 219 -13.94 18.15 27.30
N GLU B 220 -13.64 18.20 26.01
CA GLU B 220 -14.61 18.79 25.09
C GLU B 220 -15.83 17.92 24.89
N ASN B 221 -15.74 16.62 25.21
CA ASN B 221 -16.90 15.76 25.23
C ASN B 221 -17.50 15.61 26.62
N ASP B 222 -16.90 16.27 27.61
CA ASP B 222 -17.35 16.21 29.00
C ASP B 222 -17.53 14.77 29.47
N LEU B 223 -16.54 13.93 29.17
CA LEU B 223 -16.60 12.52 29.54
C LEU B 223 -16.15 12.34 30.98
N LYS B 224 -16.85 11.45 31.70
CA LYS B 224 -16.55 11.20 33.10
C LYS B 224 -15.97 9.82 33.35
N HIS B 225 -15.95 8.94 32.34
CA HIS B 225 -15.42 7.59 32.53
C HIS B 225 -14.29 7.29 31.54
N VAL B 226 -13.69 8.33 30.98
CA VAL B 226 -12.53 8.20 30.09
C VAL B 226 -11.40 9.00 30.72
N GLN B 227 -10.31 8.33 31.03
CA GLN B 227 -9.16 8.95 31.65
C GLN B 227 -7.96 8.82 30.72
N ILE B 228 -6.90 9.56 31.02
CA ILE B 228 -5.68 9.54 30.23
C ILE B 228 -4.75 8.47 30.76
N ILE B 229 -4.09 7.80 29.83
CA ILE B 229 -2.99 6.85 30.14
C ILE B 229 -1.75 7.43 29.44
N GLY B 230 -0.72 7.75 30.22
CA GLY B 230 0.51 8.27 29.66
C GLY B 230 1.53 7.16 29.54
N ASP B 231 2.20 7.10 28.39
CA ASP B 231 3.18 6.06 28.09
C ASP B 231 4.54 6.74 27.99
N PHE B 232 5.47 6.36 28.88
CA PHE B 232 6.75 7.07 28.96
C PHE B 232 7.50 7.05 27.63
N TYR B 233 7.40 5.94 26.90
CA TYR B 233 8.11 5.83 25.62
C TYR B 233 7.54 6.80 24.60
N HIS B 234 6.21 6.85 24.45
CA HIS B 234 5.60 7.80 23.53
C HIS B 234 5.81 9.22 24.00
N MET B 235 5.66 9.47 25.31
CA MET B 235 5.82 10.82 25.85
C MET B 235 7.23 11.35 25.60
N ASN B 236 8.24 10.47 25.68
CA ASN B 236 9.61 10.89 25.46
C ASN B 236 9.80 11.46 24.06
N ILE B 237 8.97 11.05 23.11
CA ILE B 237 9.01 11.64 21.78
C ILE B 237 8.14 12.89 21.70
N GLU B 238 6.93 12.87 22.29
CA GLU B 238 5.93 13.86 21.92
C GLU B 238 5.79 15.04 22.90
N GLU B 239 6.12 14.87 24.17
CA GLU B 239 5.85 15.91 25.16
C GLU B 239 6.96 16.96 25.20
N ASP B 240 6.57 18.20 25.50
CA ASP B 240 7.54 19.26 25.73
C ASP B 240 8.34 18.99 26.99
N ASN B 241 7.71 18.39 27.99
CA ASN B 241 8.32 18.19 29.30
C ASN B 241 7.51 17.09 29.97
N LEU B 242 8.12 15.91 30.14
CA LEU B 242 7.36 14.74 30.58
C LEU B 242 6.80 14.92 31.98
N ALA B 243 7.65 15.33 32.93
CA ALA B 243 7.16 15.51 34.30
C ALA B 243 6.07 16.57 34.35
N GLN B 244 6.25 17.66 33.62
CA GLN B 244 5.23 18.71 33.61
C GLN B 244 3.92 18.19 33.02
N ALA B 245 4.01 17.37 31.98
CA ALA B 245 2.79 16.82 31.37
C ALA B 245 2.05 15.92 32.35
N LEU B 246 2.79 15.09 33.10
CA LEU B 246 2.15 14.27 34.13
C LEU B 246 1.48 15.14 35.18
N HIS B 247 2.13 16.25 35.54
CA HIS B 247 1.61 17.12 36.58
C HIS B 247 0.37 17.88 36.10
N ASP B 248 0.45 18.49 34.91
CA ASP B 248 -0.64 19.31 34.41
C ASP B 248 -1.90 18.48 34.17
N ASN B 249 -1.78 17.17 34.02
CA ASN B 249 -2.93 16.31 33.76
C ASN B 249 -3.21 15.36 34.92
N ARG B 250 -2.70 15.65 36.12
CA ARG B 250 -2.89 14.76 37.24
C ARG B 250 -4.37 14.58 37.59
N ASP B 251 -5.24 15.50 37.18
CA ASP B 251 -6.67 15.35 37.44
C ASP B 251 -7.30 14.28 36.56
N LEU B 252 -6.70 13.97 35.41
CA LEU B 252 -7.26 12.98 34.49
C LEU B 252 -6.36 11.78 34.25
N LEU B 253 -5.13 11.78 34.77
CA LEU B 253 -4.19 10.68 34.54
C LEU B 253 -4.58 9.50 35.40
N GLY B 254 -5.05 8.43 34.77
CA GLY B 254 -5.54 7.28 35.53
C GLY B 254 -4.69 6.04 35.44
N HIS B 255 -3.73 6.01 34.51
CA HIS B 255 -2.95 4.81 34.25
C HIS B 255 -1.66 5.25 33.58
N VAL B 256 -0.63 4.40 33.68
CA VAL B 256 0.70 4.72 33.18
C VAL B 256 1.30 3.47 32.54
N HIS B 257 1.92 3.65 31.36
CA HIS B 257 2.72 2.63 30.69
C HIS B 257 4.18 3.03 30.79
N ILE B 258 5.06 2.07 31.04
CA ILE B 258 6.48 2.37 31.17
C ILE B 258 7.31 1.48 30.28
N ALA B 259 8.33 2.09 29.69
CA ALA B 259 9.38 1.44 28.92
C ALA B 259 10.48 2.48 28.81
N ASP B 260 11.67 2.04 28.42
CA ASP B 260 12.75 3.00 28.28
C ASP B 260 12.64 3.70 26.92
N ASN B 261 13.58 4.62 26.66
CA ASN B 261 13.41 5.52 25.53
C ASN B 261 13.40 4.78 24.19
N HIS B 262 14.05 3.62 24.12
CA HIS B 262 14.09 2.80 22.92
C HIS B 262 13.12 1.64 22.98
N ARG B 263 12.13 1.70 23.89
CA ARG B 263 11.04 0.76 24.07
C ARG B 263 11.50 -0.53 24.77
N TYR B 264 12.76 -0.64 25.18
CA TYR B 264 13.22 -1.85 25.83
C TYR B 264 13.04 -1.75 27.35
N GLN B 265 13.52 -2.75 28.09
CA GLN B 265 13.21 -2.86 29.51
C GLN B 265 13.75 -1.65 30.28
N PRO B 266 13.02 -1.17 31.29
CA PRO B 266 13.46 0.01 32.04
C PRO B 266 14.85 -0.20 32.63
N GLY B 267 15.67 0.84 32.53
CA GLY B 267 17.05 0.79 32.96
C GLY B 267 18.04 0.48 31.86
N SER B 268 17.59 -0.01 30.71
CA SER B 268 18.49 -0.29 29.59
C SER B 268 18.67 0.93 28.67
N GLY B 269 17.97 2.03 28.93
CA GLY B 269 18.11 3.28 28.22
C GLY B 269 18.43 4.43 29.17
N THR B 270 17.94 5.63 28.83
CA THR B 270 18.30 6.84 29.56
C THR B 270 17.14 7.52 30.27
N LEU B 271 15.94 6.96 30.26
CA LEU B 271 14.82 7.68 30.87
C LEU B 271 15.01 7.74 32.38
N ASP B 272 14.80 8.92 32.96
CA ASP B 272 14.99 9.13 34.39
C ASP B 272 13.74 8.67 35.12
N PHE B 273 13.65 7.35 35.31
CA PHE B 273 12.46 6.80 35.98
C PHE B 273 12.30 7.32 37.40
N HIS B 274 13.41 7.56 38.10
CA HIS B 274 13.32 8.08 39.46
C HIS B 274 12.65 9.45 39.47
N ALA B 275 13.07 10.36 38.59
CA ALA B 275 12.45 11.67 38.54
C ALA B 275 10.97 11.57 38.19
N LEU B 276 10.60 10.65 37.29
CA LEU B 276 9.20 10.56 36.89
C LEU B 276 8.36 9.91 37.98
N PHE B 277 8.90 8.89 38.66
CA PHE B 277 8.18 8.32 39.80
C PHE B 277 8.03 9.35 40.92
N GLU B 278 9.04 10.20 41.11
CA GLU B 278 8.93 11.27 42.09
C GLU B 278 7.81 12.23 41.73
N GLN B 279 7.69 12.56 40.44
CA GLN B 279 6.58 13.43 40.03
C GLN B 279 5.24 12.77 40.31
N LEU B 280 5.12 11.48 40.00
CA LEU B 280 3.87 10.75 40.27
C LEU B 280 3.55 10.76 41.76
N ARG B 281 4.56 10.47 42.60
CA ARG B 281 4.39 10.52 44.04
C ARG B 281 3.97 11.90 44.51
N ALA B 282 4.67 12.94 44.03
CA ALA B 282 4.30 14.30 44.42
C ALA B 282 2.86 14.61 44.06
N ASP B 283 2.40 14.13 42.91
CA ASP B 283 1.03 14.33 42.47
C ASP B 283 0.04 13.36 43.11
N ASN B 284 0.50 12.53 44.06
CA ASN B 284 -0.37 11.59 44.77
CA ASN B 284 -0.36 11.58 44.77
C ASN B 284 -1.02 10.61 43.79
N TYR B 285 -0.25 10.13 42.82
CA TYR B 285 -0.75 9.14 41.87
C TYR B 285 -1.05 7.82 42.59
N GLN B 286 -2.23 7.25 42.33
CA GLN B 286 -2.62 6.01 43.00
C GLN B 286 -2.85 4.85 42.06
N GLY B 287 -2.55 4.99 40.76
CA GLY B 287 -2.69 3.91 39.82
C GLY B 287 -1.47 3.02 39.78
N TYR B 288 -1.42 2.20 38.73
CA TYR B 288 -0.29 1.33 38.46
C TYR B 288 0.60 1.95 37.39
N VAL B 289 1.86 1.52 37.35
CA VAL B 289 2.74 1.73 36.21
C VAL B 289 3.00 0.36 35.60
N VAL B 290 2.70 0.20 34.32
CA VAL B 290 2.63 -1.11 33.69
C VAL B 290 3.65 -1.16 32.55
N TYR B 291 4.46 -2.23 32.54
CA TYR B 291 5.39 -2.47 31.44
C TYR B 291 4.62 -2.68 30.14
N GLU B 292 4.89 -1.85 29.14
CA GLU B 292 4.50 -2.11 27.75
C GLU B 292 5.72 -1.89 26.89
N GLY B 293 6.16 -2.91 26.19
CA GLY B 293 7.33 -2.73 25.35
C GLY B 293 8.03 -4.05 25.05
N ARG B 294 9.28 -3.92 24.65
CA ARG B 294 10.05 -5.02 24.11
C ARG B 294 11.22 -5.31 25.03
N ILE B 295 11.90 -6.42 24.75
CA ILE B 295 13.05 -6.86 25.54
C ILE B 295 14.20 -7.10 24.58
N ARG B 296 15.36 -6.51 24.88
CA ARG B 296 16.58 -6.79 24.13
C ARG B 296 17.59 -7.35 25.12
N ALA B 297 17.84 -8.65 25.04
CA ALA B 297 18.75 -9.30 25.98
C ALA B 297 19.03 -10.72 25.51
N GLU B 298 20.21 -11.21 25.90
CA GLU B 298 20.55 -12.62 25.73
C GLU B 298 19.63 -13.52 26.55
N ASP B 299 19.25 -13.08 27.75
CA ASP B 299 18.44 -13.83 28.71
C ASP B 299 17.24 -12.97 29.06
N PRO B 300 16.15 -13.05 28.29
CA PRO B 300 15.02 -12.13 28.52
C PRO B 300 14.46 -12.17 29.93
N ALA B 301 14.21 -13.37 30.47
CA ALA B 301 13.64 -13.47 31.81
C ALA B 301 14.53 -12.80 32.84
N GLN B 302 15.85 -12.99 32.73
CA GLN B 302 16.76 -12.38 33.70
C GLN B 302 16.78 -10.87 33.55
N ALA B 303 16.81 -10.37 32.32
CA ALA B 303 16.77 -8.93 32.11
C ALA B 303 15.48 -8.33 32.64
N TYR B 304 14.37 -9.06 32.50
CA TYR B 304 13.10 -8.56 33.03
C TYR B 304 13.15 -8.44 34.55
N ARG B 305 13.64 -9.50 35.22
CA ARG B 305 13.80 -9.47 36.67
C ARG B 305 14.73 -8.34 37.11
N ASP B 306 15.88 -8.22 36.42
CA ASP B 306 16.85 -7.18 36.78
C ASP B 306 16.25 -5.78 36.64
N SER B 307 15.49 -5.55 35.57
CA SER B 307 14.91 -4.23 35.38
C SER B 307 13.92 -3.89 36.49
N LEU B 308 13.10 -4.86 36.89
CA LEU B 308 12.14 -4.60 37.95
C LEU B 308 12.85 -4.36 39.29
N ALA B 309 13.84 -5.20 39.60
CA ALA B 309 14.63 -4.99 40.81
C ALA B 309 15.23 -3.60 40.82
N TRP B 310 15.82 -3.17 39.70
CA TRP B 310 16.36 -1.82 39.61
C TRP B 310 15.25 -0.79 39.78
N LEU B 311 14.10 -1.03 39.16
CA LEU B 311 13.01 -0.06 39.22
C LEU B 311 12.50 0.12 40.64
N ARG B 312 12.57 -0.92 41.46
CA ARG B 312 12.17 -0.80 42.86
C ARG B 312 13.03 0.19 43.63
N THR B 313 14.20 0.56 43.11
CA THR B 313 15.04 1.56 43.75
C THR B 313 14.74 2.98 43.27
N CYS B 314 13.84 3.15 42.30
CA CYS B 314 13.43 4.48 41.86
C CYS B 314 12.15 4.92 42.56
N LYS C 51 -6.24 -34.75 -34.55
CA LYS C 51 -7.42 -33.92 -34.42
C LYS C 51 -7.85 -33.85 -32.95
N LYS C 52 -7.67 -34.95 -32.22
CA LYS C 52 -8.01 -34.98 -30.80
C LYS C 52 -7.13 -34.01 -30.03
N MET C 53 -7.76 -33.14 -29.24
CA MET C 53 -7.02 -32.22 -28.39
C MET C 53 -6.69 -32.89 -27.06
N LYS C 54 -5.44 -32.79 -26.64
CA LYS C 54 -5.07 -33.23 -25.29
C LYS C 54 -5.39 -32.12 -24.30
N ILE C 55 -6.21 -32.42 -23.29
CA ILE C 55 -6.76 -31.43 -22.38
C ILE C 55 -6.34 -31.78 -20.96
N GLY C 56 -5.64 -30.87 -20.29
CA GLY C 56 -5.23 -31.07 -18.93
C GLY C 56 -5.83 -30.03 -18.01
N THR C 57 -5.43 -30.09 -16.74
CA THR C 57 -5.96 -29.16 -15.77
C THR C 57 -4.93 -28.87 -14.70
N GLN C 58 -4.99 -27.66 -14.15
CA GLN C 58 -4.35 -27.33 -12.90
C GLN C 58 -5.17 -27.89 -11.74
N ASN C 59 -4.61 -27.79 -10.54
CA ASN C 59 -5.33 -28.20 -9.35
C ASN C 59 -6.52 -27.28 -9.08
N GLN C 60 -7.57 -27.84 -8.49
CA GLN C 60 -8.71 -27.07 -7.99
C GLN C 60 -8.96 -27.48 -6.55
N ALA C 61 -9.56 -26.58 -5.77
CA ALA C 61 -9.71 -26.84 -4.34
C ALA C 61 -10.61 -28.05 -4.07
N PHE C 62 -11.54 -28.35 -4.98
CA PHE C 62 -12.41 -29.49 -4.72
C PHE C 62 -11.74 -30.83 -5.00
N PHE C 63 -10.52 -30.83 -5.57
CA PHE C 63 -9.77 -32.05 -5.78
C PHE C 63 -9.31 -32.63 -4.44
N PRO C 64 -9.10 -33.94 -4.37
CA PRO C 64 -8.39 -34.52 -3.22
C PRO C 64 -7.03 -33.85 -3.04
N GLU C 65 -6.60 -33.74 -1.78
CA GLU C 65 -5.29 -33.16 -1.49
C GLU C 65 -4.18 -34.19 -1.62
N ASN C 66 -4.44 -35.45 -1.22
CA ASN C 66 -3.41 -36.48 -1.35
C ASN C 66 -3.07 -36.68 -2.82
N ILE C 67 -1.78 -36.79 -3.10
CA ILE C 67 -1.32 -36.71 -4.49
C ILE C 67 -1.84 -37.89 -5.29
N LEU C 68 -1.71 -39.11 -4.78
CA LEU C 68 -2.22 -40.26 -5.51
C LEU C 68 -3.72 -40.13 -5.75
N GLU C 69 -4.48 -39.77 -4.71
CA GLU C 69 -5.92 -39.60 -4.87
C GLU C 69 -6.23 -38.48 -5.86
N LYS C 70 -5.42 -37.42 -5.85
CA LYS C 70 -5.63 -36.32 -6.78
C LYS C 70 -5.46 -36.79 -8.22
N PHE C 71 -4.37 -37.50 -8.50
CA PHE C 71 -4.15 -38.02 -9.85
C PHE C 71 -5.27 -38.95 -10.27
N ARG C 72 -5.68 -39.86 -9.37
CA ARG C 72 -6.79 -40.76 -9.70
C ARG C 72 -8.05 -39.97 -10.03
N TYR C 73 -8.32 -38.94 -9.25
CA TYR C 73 -9.52 -38.12 -9.45
C TYR C 73 -9.49 -37.41 -10.80
N ILE C 74 -8.36 -36.80 -11.15
CA ILE C 74 -8.24 -36.09 -12.42
C ILE C 74 -8.38 -37.07 -13.59
N LYS C 75 -7.70 -38.21 -13.47
CA LYS C 75 -7.84 -39.30 -14.43
C LYS C 75 -9.30 -39.67 -14.65
N GLU C 76 -10.01 -39.96 -13.56
CA GLU C 76 -11.39 -40.43 -13.67
C GLU C 76 -12.31 -39.38 -14.29
N MET C 77 -12.06 -38.08 -14.04
CA MET C 77 -12.85 -37.06 -14.72
C MET C 77 -12.62 -37.07 -16.23
N GLY C 78 -11.52 -37.67 -16.70
CA GLY C 78 -11.26 -37.77 -18.12
C GLY C 78 -10.16 -36.89 -18.67
N PHE C 79 -9.42 -36.17 -17.82
CA PHE C 79 -8.36 -35.29 -18.30
C PHE C 79 -7.16 -36.09 -18.79
N ASP C 80 -6.39 -35.49 -19.70
CA ASP C 80 -5.22 -36.13 -20.27
C ASP C 80 -3.92 -35.79 -19.55
N GLY C 81 -3.93 -34.86 -18.60
CA GLY C 81 -2.68 -34.49 -17.94
C GLY C 81 -2.96 -33.53 -16.81
N PHE C 82 -1.91 -33.30 -16.01
CA PHE C 82 -2.00 -32.48 -14.79
C PHE C 82 -0.88 -31.45 -14.83
N GLU C 83 -1.24 -30.19 -14.66
CA GLU C 83 -0.26 -29.11 -14.54
C GLU C 83 -0.11 -28.79 -13.06
N ILE C 84 1.05 -29.12 -12.49
CA ILE C 84 1.22 -29.21 -11.04
C ILE C 84 1.86 -27.93 -10.51
N ASP C 85 1.52 -27.58 -9.27
CA ASP C 85 2.22 -26.50 -8.59
C ASP C 85 3.69 -26.87 -8.42
N GLY C 86 4.58 -25.90 -8.68
CA GLY C 86 6.00 -26.21 -8.66
C GLY C 86 6.49 -26.69 -7.32
N LYS C 87 5.95 -26.12 -6.23
CA LYS C 87 6.44 -26.49 -4.91
C LYS C 87 5.90 -27.86 -4.48
N LEU C 88 4.62 -28.11 -4.76
CA LEU C 88 4.06 -29.44 -4.55
C LEU C 88 4.90 -30.51 -5.26
N LEU C 89 5.29 -30.23 -6.50
CA LEU C 89 6.10 -31.16 -7.28
C LEU C 89 7.45 -31.39 -6.62
N VAL C 90 8.17 -30.31 -6.32
CA VAL C 90 9.53 -30.44 -5.81
C VAL C 90 9.53 -31.12 -4.44
N ASN C 91 8.54 -30.83 -3.61
CA ASN C 91 8.57 -31.37 -2.25
C ASN C 91 8.01 -32.78 -2.16
N ASN C 92 7.44 -33.32 -3.24
CA ASN C 92 6.78 -34.61 -3.18
C ASN C 92 7.11 -35.44 -4.41
N ILE C 93 8.36 -35.38 -4.87
CA ILE C 93 8.73 -35.95 -6.15
C ILE C 93 8.43 -37.44 -6.18
N GLU C 94 8.74 -38.16 -5.09
CA GLU C 94 8.56 -39.60 -5.10
C GLU C 94 7.08 -39.96 -5.17
N GLU C 95 6.24 -39.26 -4.41
CA GLU C 95 4.79 -39.48 -4.50
C GLU C 95 4.28 -39.17 -5.91
N VAL C 96 4.78 -38.10 -6.53
CA VAL C 96 4.31 -37.73 -7.87
C VAL C 96 4.71 -38.80 -8.88
N LYS C 97 5.97 -39.26 -8.80
CA LYS C 97 6.40 -40.34 -9.69
C LYS C 97 5.50 -41.56 -9.54
N ALA C 98 5.25 -41.98 -8.30
CA ALA C 98 4.40 -43.14 -8.08
C ALA C 98 3.00 -42.93 -8.65
N ALA C 99 2.45 -41.71 -8.49
CA ALA C 99 1.09 -41.45 -8.97
C ALA C 99 1.04 -41.48 -10.48
N ILE C 100 2.07 -40.95 -11.14
CA ILE C 100 2.13 -41.03 -12.60
C ILE C 100 2.14 -42.49 -13.04
N LYS C 101 2.97 -43.30 -12.38
CA LYS C 101 3.13 -44.69 -12.80
C LYS C 101 1.83 -45.45 -12.61
N GLU C 102 1.18 -45.26 -11.46
CA GLU C 102 0.00 -46.05 -11.17
C GLU C 102 -1.20 -45.62 -12.02
N THR C 103 -1.39 -44.30 -12.21
CA THR C 103 -2.58 -43.84 -12.92
C THR C 103 -2.37 -43.69 -14.42
N GLY C 104 -1.12 -43.57 -14.87
CA GLY C 104 -0.89 -43.21 -16.26
C GLY C 104 -1.20 -41.76 -16.60
N LEU C 105 -1.52 -40.95 -15.60
CA LEU C 105 -1.78 -39.52 -15.85
C LEU C 105 -0.47 -38.76 -15.74
N PRO C 106 0.02 -38.14 -16.81
CA PRO C 106 1.32 -37.46 -16.74
C PRO C 106 1.20 -36.10 -16.08
N VAL C 107 2.33 -35.67 -15.52
CA VAL C 107 2.56 -34.25 -15.25
C VAL C 107 3.00 -33.63 -16.56
N THR C 108 2.20 -32.70 -17.08
CA THR C 108 2.53 -32.07 -18.35
C THR C 108 3.50 -30.91 -18.19
N THR C 109 3.38 -30.18 -17.08
CA THR C 109 3.96 -28.87 -16.91
C THR C 109 3.85 -28.54 -15.44
N ALA C 110 4.60 -27.53 -15.01
CA ALA C 110 4.41 -26.95 -13.70
C ALA C 110 4.06 -25.47 -13.85
N CYS C 111 3.44 -24.92 -12.82
CA CYS C 111 3.08 -23.51 -12.82
C CYS C 111 3.15 -23.03 -11.37
N GLY C 112 3.70 -21.84 -11.16
CA GLY C 112 3.85 -21.36 -9.80
C GLY C 112 4.84 -22.19 -8.96
N GLY C 113 4.82 -21.91 -7.65
CA GLY C 113 5.64 -22.65 -6.71
C GLY C 113 6.96 -22.04 -6.34
N TYR C 114 7.19 -20.78 -6.70
CA TYR C 114 8.43 -20.08 -6.40
C TYR C 114 8.06 -18.70 -5.88
N ASP C 115 8.95 -18.12 -5.09
CA ASP C 115 8.74 -16.80 -4.49
CA ASP C 115 8.74 -16.80 -4.49
C ASP C 115 9.75 -15.84 -5.13
N GLY C 116 9.26 -14.99 -6.01
CA GLY C 116 10.12 -14.08 -6.73
C GLY C 116 9.90 -14.19 -8.22
N TRP C 117 9.37 -13.14 -8.83
CA TRP C 117 9.03 -13.16 -10.25
C TRP C 117 10.27 -12.96 -11.11
N ILE C 118 10.22 -13.48 -12.34
CA ILE C 118 11.37 -13.30 -13.23
C ILE C 118 11.60 -11.82 -13.54
N GLY C 119 10.56 -10.98 -13.41
CA GLY C 119 10.74 -9.55 -13.56
C GLY C 119 10.56 -8.77 -12.28
N ASP C 120 10.83 -9.41 -11.15
CA ASP C 120 10.54 -8.81 -9.85
C ASP C 120 11.22 -7.46 -9.70
N PHE C 121 10.53 -6.52 -9.05
CA PHE C 121 11.12 -5.24 -8.69
C PHE C 121 12.28 -5.39 -7.72
N ILE C 122 12.27 -6.43 -6.87
CA ILE C 122 13.29 -6.63 -5.85
C ILE C 122 14.29 -7.65 -6.35
N GLU C 123 15.56 -7.24 -6.51
CA GLU C 123 16.54 -8.10 -7.14
C GLU C 123 16.73 -9.41 -6.37
N GLU C 124 16.82 -9.35 -5.03
CA GLU C 124 16.99 -10.58 -4.27
C GLU C 124 15.85 -11.56 -4.52
N ARG C 125 14.62 -11.05 -4.66
CA ARG C 125 13.49 -11.94 -4.92
C ARG C 125 13.57 -12.53 -6.32
N ARG C 126 13.93 -11.72 -7.32
CA ARG C 126 14.12 -12.24 -8.66
C ARG C 126 15.14 -13.37 -8.66
N LEU C 127 16.28 -13.16 -8.01
CA LEU C 127 17.34 -14.16 -8.02
C LEU C 127 16.94 -15.40 -7.24
N ASN C 128 16.23 -15.24 -6.13
CA ASN C 128 15.77 -16.40 -5.38
C ASN C 128 14.75 -17.19 -6.19
N GLY C 129 13.85 -16.49 -6.88
CA GLY C 129 12.89 -17.19 -7.73
C GLY C 129 13.55 -17.99 -8.83
N LEU C 130 14.64 -17.46 -9.41
CA LEU C 130 15.36 -18.21 -10.43
C LEU C 130 15.92 -19.51 -9.87
N LYS C 131 16.44 -19.46 -8.64
CA LYS C 131 16.99 -20.67 -8.02
C LYS C 131 15.89 -21.69 -7.77
N GLN C 132 14.70 -21.23 -7.37
CA GLN C 132 13.60 -22.15 -7.15
C GLN C 132 13.06 -22.69 -8.47
N ILE C 133 13.02 -21.85 -9.52
CA ILE C 133 12.58 -22.33 -10.82
C ILE C 133 13.54 -23.37 -11.36
N GLU C 134 14.85 -23.18 -11.11
CA GLU C 134 15.83 -24.19 -11.50
C GLU C 134 15.49 -25.55 -10.88
N ARG C 135 15.14 -25.57 -9.59
CA ARG C 135 14.74 -26.82 -8.95
C ARG C 135 13.47 -27.40 -9.56
N ILE C 136 12.52 -26.54 -9.92
CA ILE C 136 11.27 -27.02 -10.53
C ILE C 136 11.56 -27.63 -11.90
N LEU C 137 12.44 -27.00 -12.69
CA LEU C 137 12.80 -27.58 -13.98
C LEU C 137 13.47 -28.93 -13.81
N GLU C 138 14.35 -29.07 -12.81
CA GLU C 138 14.96 -30.37 -12.55
C GLU C 138 13.92 -31.41 -12.19
N ALA C 139 12.96 -31.04 -11.33
CA ALA C 139 11.90 -31.96 -10.95
C ALA C 139 11.04 -32.35 -12.15
N LEU C 140 10.76 -31.40 -13.04
CA LEU C 140 10.00 -31.71 -14.26
C LEU C 140 10.76 -32.71 -15.13
N ALA C 141 12.07 -32.51 -15.29
CA ALA C 141 12.85 -33.49 -16.06
C ALA C 141 12.72 -34.88 -15.46
N GLU C 142 12.75 -34.97 -14.14
CA GLU C 142 12.71 -36.28 -13.50
C GLU C 142 11.36 -36.97 -13.68
N VAL C 143 10.24 -36.22 -13.73
CA VAL C 143 8.94 -36.85 -13.90
C VAL C 143 8.46 -36.82 -15.35
N GLY C 144 9.27 -36.32 -16.28
CA GLY C 144 8.87 -36.30 -17.67
C GLY C 144 7.95 -35.15 -18.06
N GLY C 145 7.89 -34.10 -17.24
CA GLY C 145 7.15 -32.92 -17.62
C GLY C 145 7.89 -32.10 -18.66
N LYS C 146 7.15 -31.26 -19.40
CA LYS C 146 7.73 -30.52 -20.51
C LYS C 146 8.41 -29.23 -20.07
N GLY C 147 7.88 -28.54 -19.07
CA GLY C 147 8.43 -27.25 -18.72
C GLY C 147 7.55 -26.53 -17.73
N ILE C 148 7.98 -25.32 -17.38
CA ILE C 148 7.32 -24.50 -16.38
C ILE C 148 6.68 -23.30 -17.06
N VAL C 149 5.48 -22.94 -16.61
CA VAL C 149 4.79 -21.75 -17.07
C VAL C 149 5.13 -20.60 -16.13
N VAL C 150 5.64 -19.49 -16.67
CA VAL C 150 5.92 -18.31 -15.85
C VAL C 150 5.44 -17.04 -16.55
N PRO C 151 4.85 -16.11 -15.83
CA PRO C 151 4.62 -14.76 -16.34
C PRO C 151 5.85 -13.93 -15.98
N ALA C 152 5.87 -12.68 -16.48
CA ALA C 152 6.89 -11.74 -16.01
C ALA C 152 6.73 -11.45 -14.52
N ALA C 153 5.48 -11.36 -14.05
CA ALA C 153 5.11 -11.17 -12.66
C ALA C 153 3.59 -11.28 -12.60
N TRP C 154 3.07 -11.50 -11.39
CA TRP C 154 1.64 -11.42 -11.13
C TRP C 154 1.40 -10.63 -9.86
N GLY C 155 0.40 -9.75 -9.90
CA GLY C 155 -0.06 -9.06 -8.69
C GLY C 155 0.93 -8.08 -8.11
N MET C 156 2.00 -7.77 -8.84
CA MET C 156 3.06 -6.89 -8.36
C MET C 156 2.83 -5.46 -8.80
N PHE C 157 2.40 -5.24 -10.04
CA PHE C 157 2.18 -3.89 -10.51
C PHE C 157 1.27 -3.92 -11.74
N THR C 158 0.48 -2.87 -11.90
CA THR C 158 -0.27 -2.65 -13.13
C THR C 158 -0.33 -1.16 -13.44
N PHE C 159 -0.21 -0.80 -14.72
CA PHE C 159 -0.37 0.59 -15.11
C PHE C 159 -1.79 1.09 -14.98
N ARG C 160 -2.77 0.20 -14.82
CA ARG C 160 -4.17 0.59 -14.95
C ARG C 160 -4.89 0.74 -13.61
N LEU C 161 -4.21 0.52 -12.49
CA LEU C 161 -4.83 0.73 -11.18
C LEU C 161 -3.81 1.41 -10.27
N PRO C 162 -4.26 2.21 -9.29
CA PRO C 162 -3.31 2.91 -8.42
C PRO C 162 -2.44 1.93 -7.65
N PRO C 163 -1.15 2.25 -7.41
CA PRO C 163 -0.41 3.44 -7.85
C PRO C 163 -0.13 3.42 -9.34
N MET C 164 -0.37 4.55 -10.01
CA MET C 164 -0.31 4.59 -11.47
C MET C 164 1.11 4.65 -12.01
N THR C 165 2.08 5.06 -11.20
CA THR C 165 3.45 5.26 -11.66
C THR C 165 4.33 4.08 -11.29
N SER C 166 5.00 3.52 -12.28
CA SER C 166 5.83 2.39 -11.95
C SER C 166 7.14 2.89 -11.32
N PRO C 167 7.72 2.14 -10.38
CA PRO C 167 8.98 2.55 -9.77
C PRO C 167 10.19 2.27 -10.63
N ARG C 168 10.02 1.63 -11.80
CA ARG C 168 11.11 1.19 -12.64
C ARG C 168 10.82 1.55 -14.09
N SER C 169 11.85 1.94 -14.84
CA SER C 169 11.69 2.31 -16.22
C SER C 169 11.32 1.08 -17.06
N LEU C 170 10.76 1.36 -18.25
CA LEU C 170 10.50 0.26 -19.19
C LEU C 170 11.78 -0.48 -19.55
N ASP C 171 12.87 0.26 -19.75
CA ASP C 171 14.14 -0.40 -20.04
C ASP C 171 14.61 -1.23 -18.85
N GLY C 172 14.34 -0.77 -17.63
CA GLY C 172 14.67 -1.58 -16.47
C GLY C 172 13.88 -2.88 -16.42
N ASP C 173 12.57 -2.80 -16.74
CA ASP C 173 11.75 -4.00 -16.89
C ASP C 173 12.39 -4.97 -17.88
N ARG C 174 12.72 -4.47 -19.07
CA ARG C 174 13.19 -5.35 -20.13
C ARG C 174 14.51 -6.01 -19.75
N LYS C 175 15.39 -5.25 -19.09
CA LYS C 175 16.69 -5.79 -18.72
C LYS C 175 16.55 -6.91 -17.69
N MET C 176 15.65 -6.74 -16.70
CA MET C 176 15.52 -7.76 -15.67
C MET C 176 14.85 -9.02 -16.21
N VAL C 177 13.76 -8.86 -16.98
CA VAL C 177 13.13 -10.03 -17.58
C VAL C 177 14.08 -10.75 -18.52
N SER C 178 14.78 -9.98 -19.36
CA SER C 178 15.72 -10.60 -20.29
C SER C 178 16.83 -11.34 -19.54
N ASP C 179 17.37 -10.74 -18.47
CA ASP C 179 18.41 -11.42 -17.71
C ASP C 179 17.92 -12.74 -17.15
N SER C 180 16.72 -12.73 -16.54
CA SER C 180 16.15 -13.97 -16.02
C SER C 180 15.97 -15.01 -17.11
N LEU C 181 15.46 -14.61 -18.27
CA LEU C 181 15.21 -15.60 -19.33
C LEU C 181 16.52 -16.15 -19.88
N ARG C 182 17.58 -15.34 -19.94
CA ARG C 182 18.86 -15.85 -20.38
C ARG C 182 19.45 -16.85 -19.40
N VAL C 183 19.24 -16.63 -18.09
CA VAL C 183 19.63 -17.62 -17.09
C VAL C 183 18.81 -18.90 -17.25
N LEU C 184 17.48 -18.77 -17.30
CA LEU C 184 16.63 -19.95 -17.36
C LEU C 184 16.83 -20.73 -18.66
N GLU C 185 17.16 -20.03 -19.75
CA GLU C 185 17.46 -20.68 -21.01
C GLU C 185 18.51 -21.76 -20.84
N GLN C 186 19.56 -21.46 -20.06
CA GLN C 186 20.64 -22.44 -19.86
C GLN C 186 20.15 -23.63 -19.05
N VAL C 187 19.35 -23.38 -18.02
CA VAL C 187 18.86 -24.47 -17.18
C VAL C 187 17.87 -25.34 -17.95
N ALA C 188 16.98 -24.71 -18.72
CA ALA C 188 16.06 -25.46 -19.57
C ALA C 188 16.82 -26.37 -20.53
N ALA C 189 17.83 -25.82 -21.20
CA ALA C 189 18.64 -26.64 -22.09
C ALA C 189 19.28 -27.80 -21.36
N ARG C 190 19.84 -27.54 -20.18
CA ARG C 190 20.59 -28.57 -19.48
C ARG C 190 19.69 -29.65 -18.88
N THR C 191 18.47 -29.30 -18.49
CA THR C 191 17.52 -30.26 -17.96
C THR C 191 16.64 -30.88 -19.03
N GLY C 192 16.74 -30.44 -20.29
CA GLY C 192 15.86 -30.97 -21.31
C GLY C 192 14.42 -30.48 -21.22
N THR C 193 14.20 -29.30 -20.65
CA THR C 193 12.85 -28.76 -20.48
C THR C 193 12.73 -27.44 -21.23
N VAL C 194 11.56 -26.81 -21.10
CA VAL C 194 11.26 -25.54 -21.75
C VAL C 194 10.68 -24.58 -20.72
N VAL C 195 10.96 -23.30 -20.88
CA VAL C 195 10.27 -22.25 -20.14
C VAL C 195 9.14 -21.74 -21.03
N TYR C 196 7.90 -21.77 -20.52
CA TYR C 196 6.74 -21.24 -21.23
C TYR C 196 6.41 -19.87 -20.66
N LEU C 197 6.56 -18.84 -21.49
CA LEU C 197 6.42 -17.45 -21.08
C LEU C 197 4.98 -16.99 -21.33
N GLU C 198 4.27 -16.61 -20.26
CA GLU C 198 2.82 -16.35 -20.34
C GLU C 198 2.53 -14.86 -20.30
N PRO C 199 1.98 -14.27 -21.35
CA PRO C 199 1.38 -12.92 -21.23
C PRO C 199 0.15 -12.99 -20.33
N LEU C 200 0.06 -12.05 -19.39
CA LEU C 200 -1.11 -11.89 -18.54
C LEU C 200 -1.82 -10.60 -18.91
N ASN C 201 -3.10 -10.49 -18.55
CA ASN C 201 -3.78 -9.25 -18.87
C ASN C 201 -3.16 -8.09 -18.08
N ARG C 202 -3.45 -6.87 -18.56
CA ARG C 202 -2.84 -5.63 -18.08
C ARG C 202 -3.06 -5.38 -16.59
N TYR C 203 -4.10 -5.95 -16.00
CA TYR C 203 -4.32 -5.75 -14.57
C TYR C 203 -3.40 -6.61 -13.72
N GLN C 204 -2.99 -7.77 -14.24
CA GLN C 204 -2.15 -8.69 -13.48
C GLN C 204 -0.66 -8.42 -13.64
N ASP C 205 -0.25 -7.78 -14.73
CA ASP C 205 1.15 -7.60 -15.06
C ASP C 205 1.28 -6.42 -16.01
N HIS C 206 2.30 -5.60 -15.80
CA HIS C 206 2.53 -4.47 -16.69
C HIS C 206 3.50 -4.80 -17.84
N MET C 207 4.22 -5.91 -17.77
CA MET C 207 5.38 -6.15 -18.62
C MET C 207 5.08 -6.94 -19.90
N ILE C 208 4.24 -7.97 -19.84
CA ILE C 208 3.98 -8.86 -20.97
C ILE C 208 2.47 -9.12 -21.01
N ASN C 209 1.79 -8.54 -21.99
CA ASN C 209 0.34 -8.64 -22.08
C ASN C 209 -0.15 -9.35 -23.33
N THR C 210 0.62 -9.33 -24.42
CA THR C 210 0.22 -9.98 -25.66
C THR C 210 1.21 -11.05 -26.04
N LEU C 211 0.77 -11.95 -26.93
CA LEU C 211 1.70 -12.94 -27.46
C LEU C 211 2.90 -12.26 -28.12
N ALA C 212 2.67 -11.14 -28.82
CA ALA C 212 3.76 -10.44 -29.46
C ALA C 212 4.77 -9.93 -28.43
N ASP C 213 4.30 -9.53 -27.25
CA ASP C 213 5.22 -9.13 -26.19
C ASP C 213 6.16 -10.27 -25.82
N ALA C 214 5.61 -11.46 -25.56
CA ALA C 214 6.45 -12.60 -25.23
C ALA C 214 7.37 -12.95 -26.40
N ARG C 215 6.83 -12.87 -27.62
CA ARG C 215 7.65 -13.14 -28.80
C ARG C 215 8.88 -12.23 -28.83
N ARG C 216 8.69 -10.94 -28.55
N ARG C 216 8.69 -10.94 -28.55
CA ARG C 216 9.83 -10.01 -28.57
CA ARG C 216 9.82 -10.00 -28.56
C ARG C 216 10.92 -10.44 -27.61
C ARG C 216 10.92 -10.43 -27.60
N TYR C 217 10.54 -10.86 -26.40
CA TYR C 217 11.55 -11.28 -25.43
C TYR C 217 12.32 -12.51 -25.91
N ILE C 218 11.60 -13.44 -26.56
CA ILE C 218 12.25 -14.67 -27.01
C ILE C 218 13.17 -14.38 -28.19
N VAL C 219 12.67 -13.62 -29.17
CA VAL C 219 13.42 -13.41 -30.40
C VAL C 219 14.59 -12.48 -30.17
N GLU C 220 14.39 -11.37 -29.46
CA GLU C 220 15.47 -10.41 -29.30
C GLU C 220 16.57 -10.93 -28.38
N ASN C 221 16.29 -11.91 -27.53
CA ASN C 221 17.34 -12.56 -26.76
C ASN C 221 17.85 -13.84 -27.41
N ASP C 222 17.34 -14.19 -28.59
CA ASP C 222 17.77 -15.37 -29.35
C ASP C 222 17.63 -16.66 -28.53
N LEU C 223 16.52 -16.79 -27.80
CA LEU C 223 16.32 -17.94 -26.93
C LEU C 223 15.79 -19.14 -27.71
N LYS C 224 16.35 -20.31 -27.42
CA LYS C 224 15.99 -21.55 -28.11
C LYS C 224 15.22 -22.52 -27.24
N HIS C 225 15.12 -22.26 -25.94
CA HIS C 225 14.42 -23.16 -25.02
C HIS C 225 13.36 -22.42 -24.22
N VAL C 226 12.90 -21.29 -24.75
CA VAL C 226 11.82 -20.49 -24.16
C VAL C 226 10.76 -20.34 -25.22
N GLN C 227 9.54 -20.77 -24.91
CA GLN C 227 8.43 -20.70 -25.85
C GLN C 227 7.31 -19.88 -25.24
N ILE C 228 6.31 -19.59 -26.06
CA ILE C 228 5.14 -18.82 -25.65
C ILE C 228 4.05 -19.76 -25.15
N ILE C 229 3.33 -19.30 -24.15
CA ILE C 229 2.10 -19.98 -23.71
C ILE C 229 0.99 -18.92 -23.80
N GLY C 230 -0.04 -19.21 -24.57
CA GLY C 230 -1.16 -18.30 -24.71
C GLY C 230 -2.28 -18.76 -23.81
N ASP C 231 -2.92 -17.80 -23.13
CA ASP C 231 -4.01 -18.08 -22.21
C ASP C 231 -5.28 -17.44 -22.78
N PHE C 232 -6.30 -18.25 -23.08
CA PHE C 232 -7.48 -17.74 -23.79
C PHE C 232 -8.12 -16.59 -23.04
N TYR C 233 -8.13 -16.66 -21.71
CA TYR C 233 -8.78 -15.63 -20.91
C TYR C 233 -8.02 -14.31 -20.98
N HIS C 234 -6.68 -14.35 -20.86
CA HIS C 234 -5.92 -13.12 -20.99
C HIS C 234 -5.96 -12.59 -22.42
N MET C 235 -5.96 -13.50 -23.38
CA MET C 235 -5.95 -13.10 -24.80
C MET C 235 -7.28 -12.44 -25.17
N ASN C 236 -8.36 -12.88 -24.54
CA ASN C 236 -9.71 -12.34 -24.81
C ASN C 236 -9.73 -10.84 -24.47
N ILE C 237 -8.87 -10.43 -23.53
CA ILE C 237 -8.75 -9.02 -23.18
C ILE C 237 -7.72 -8.32 -24.06
N GLU C 238 -6.57 -8.94 -24.30
CA GLU C 238 -5.42 -8.21 -24.82
C GLU C 238 -5.22 -8.29 -26.33
N GLU C 239 -5.66 -9.36 -26.99
CA GLU C 239 -5.29 -9.54 -28.40
C GLU C 239 -6.27 -8.81 -29.32
N ASP C 240 -5.74 -8.34 -30.46
CA ASP C 240 -6.60 -7.79 -31.52
C ASP C 240 -7.50 -8.85 -32.11
N ASN C 241 -7.02 -10.10 -32.16
CA ASN C 241 -7.70 -11.17 -32.87
C ASN C 241 -7.10 -12.47 -32.34
N LEU C 242 -7.87 -13.23 -31.58
CA LEU C 242 -7.30 -14.35 -30.83
C LEU C 242 -6.77 -15.43 -31.76
N ALA C 243 -7.60 -15.90 -32.70
CA ALA C 243 -7.17 -16.93 -33.63
C ALA C 243 -5.95 -16.47 -34.43
N GLN C 244 -5.93 -15.22 -34.88
CA GLN C 244 -4.80 -14.72 -35.65
C GLN C 244 -3.53 -14.68 -34.81
N ALA C 245 -3.65 -14.35 -33.52
CA ALA C 245 -2.46 -14.37 -32.65
C ALA C 245 -1.92 -15.79 -32.49
N LEU C 246 -2.80 -16.77 -32.35
CA LEU C 246 -2.33 -18.15 -32.28
C LEU C 246 -1.62 -18.55 -33.56
N HIS C 247 -2.18 -18.14 -34.70
CA HIS C 247 -1.60 -18.50 -35.99
C HIS C 247 -0.26 -17.82 -36.21
N ASP C 248 -0.19 -16.50 -35.96
CA ASP C 248 1.04 -15.75 -36.22
C ASP C 248 2.19 -16.21 -35.34
N ASN C 249 1.91 -16.83 -34.20
CA ASN C 249 2.96 -17.28 -33.30
C ASN C 249 3.05 -18.80 -33.22
N ARG C 250 2.53 -19.51 -34.23
CA ARG C 250 2.58 -20.96 -34.23
C ARG C 250 3.99 -21.51 -34.19
N ASP C 251 4.98 -20.73 -34.66
CA ASP C 251 6.36 -21.20 -34.60
C ASP C 251 6.90 -21.24 -33.16
N LEU C 252 6.30 -20.48 -32.25
CA LEU C 252 6.78 -20.39 -30.87
C LEU C 252 5.74 -20.80 -29.83
N LEU C 253 4.51 -21.10 -30.23
CA LEU C 253 3.44 -21.43 -29.29
C LEU C 253 3.62 -22.87 -28.80
N GLY C 254 4.03 -23.04 -27.56
CA GLY C 254 4.34 -24.37 -27.07
C GLY C 254 3.36 -24.93 -26.07
N HIS C 255 2.43 -24.09 -25.60
CA HIS C 255 1.52 -24.48 -24.53
C HIS C 255 0.33 -23.52 -24.55
N VAL C 256 -0.80 -23.97 -24.02
CA VAL C 256 -2.04 -23.20 -24.05
C VAL C 256 -2.76 -23.36 -22.72
N HIS C 257 -3.24 -22.23 -22.17
CA HIS C 257 -4.15 -22.22 -21.03
C HIS C 257 -5.56 -21.89 -21.52
N ILE C 258 -6.56 -22.56 -20.98
CA ILE C 258 -7.93 -22.27 -21.37
C ILE C 258 -8.80 -21.97 -20.16
N ALA C 259 -9.72 -21.05 -20.35
CA ALA C 259 -10.81 -20.71 -19.45
C ALA C 259 -11.78 -19.90 -20.29
N ASP C 260 -12.98 -19.66 -19.75
CA ASP C 260 -13.89 -18.85 -20.54
C ASP C 260 -13.61 -17.36 -20.30
N ASN C 261 -14.42 -16.50 -20.93
CA ASN C 261 -14.13 -15.07 -20.94
C ASN C 261 -14.13 -14.49 -19.53
N HIS C 262 -14.93 -15.06 -18.62
CA HIS C 262 -15.01 -14.58 -17.25
C HIS C 262 -14.18 -15.44 -16.30
N ARG C 263 -13.25 -16.23 -16.84
CA ARG C 263 -12.29 -17.07 -16.12
C ARG C 263 -12.95 -18.33 -15.56
N TYR C 264 -14.24 -18.58 -15.82
CA TYR C 264 -14.86 -19.78 -15.27
C TYR C 264 -14.76 -20.93 -16.27
N GLN C 265 -15.43 -22.04 -15.97
CA GLN C 265 -15.19 -23.30 -16.68
C GLN C 265 -15.62 -23.17 -18.14
N PRO C 266 -14.89 -23.81 -19.06
CA PRO C 266 -15.18 -23.64 -20.50
C PRO C 266 -16.63 -23.99 -20.82
N GLY C 267 -17.27 -23.13 -21.60
CA GLY C 267 -18.64 -23.31 -21.98
C GLY C 267 -19.63 -22.54 -21.14
N SER C 268 -19.23 -22.01 -19.99
CA SER C 268 -20.11 -21.19 -19.17
C SER C 268 -20.10 -19.72 -19.55
N GLY C 269 -19.26 -19.33 -20.51
CA GLY C 269 -19.23 -17.99 -21.07
C GLY C 269 -19.48 -18.03 -22.56
N THR C 270 -18.84 -17.17 -23.35
CA THR C 270 -19.10 -17.25 -24.78
C THR C 270 -17.84 -17.31 -25.63
N LEU C 271 -16.69 -17.69 -25.06
CA LEU C 271 -15.53 -17.90 -25.91
C LEU C 271 -15.80 -19.05 -26.88
N ASP C 272 -15.41 -18.85 -28.14
CA ASP C 272 -15.63 -19.83 -29.20
C ASP C 272 -14.50 -20.86 -29.17
N PHE C 273 -14.63 -21.83 -28.28
CA PHE C 273 -13.57 -22.84 -28.14
C PHE C 273 -13.43 -23.67 -29.41
N HIS C 274 -14.55 -23.97 -30.08
CA HIS C 274 -14.48 -24.72 -31.33
C HIS C 274 -13.61 -24.00 -32.36
N ALA C 275 -13.87 -22.71 -32.56
CA ALA C 275 -13.09 -21.96 -33.55
C ALA C 275 -11.62 -21.91 -33.16
N LEU C 276 -11.32 -21.76 -31.87
CA LEU C 276 -9.93 -21.67 -31.46
C LEU C 276 -9.23 -23.04 -31.56
N PHE C 277 -9.95 -24.13 -31.23
CA PHE C 277 -9.38 -25.46 -31.41
C PHE C 277 -9.15 -25.76 -32.88
N GLU C 278 -10.08 -25.33 -33.74
CA GLU C 278 -9.89 -25.46 -35.18
C GLU C 278 -8.65 -24.72 -35.65
N GLN C 279 -8.40 -23.53 -35.08
CA GLN C 279 -7.17 -22.82 -35.43
C GLN C 279 -5.95 -23.60 -35.01
N LEU C 280 -5.97 -24.17 -33.79
CA LEU C 280 -4.83 -24.96 -33.32
C LEU C 280 -4.60 -26.17 -34.22
N ARG C 281 -5.69 -26.86 -34.61
CA ARG C 281 -5.58 -28.01 -35.51
C ARG C 281 -4.98 -27.60 -36.85
N ALA C 282 -5.52 -26.54 -37.45
CA ALA C 282 -5.01 -26.07 -38.73
C ALA C 282 -3.52 -25.73 -38.66
N ASP C 283 -3.05 -25.27 -37.50
CA ASP C 283 -1.65 -24.92 -37.29
C ASP C 283 -0.82 -26.12 -36.82
N ASN C 284 -1.41 -27.31 -36.75
CA ASN C 284 -0.70 -28.53 -36.37
C ASN C 284 -0.15 -28.44 -34.94
N TYR C 285 -0.92 -27.80 -34.04
CA TYR C 285 -0.52 -27.73 -32.64
C TYR C 285 -0.43 -29.13 -32.04
N GLN C 286 0.69 -29.42 -31.37
CA GLN C 286 0.93 -30.73 -30.80
C GLN C 286 0.97 -30.74 -29.27
N GLY C 287 0.74 -29.61 -28.62
CA GLY C 287 0.84 -29.53 -27.18
C GLY C 287 -0.48 -29.85 -26.47
N TYR C 288 -0.54 -29.44 -25.21
CA TYR C 288 -1.74 -29.58 -24.40
C TYR C 288 -2.49 -28.25 -24.32
N VAL C 289 -3.78 -28.34 -24.00
CA VAL C 289 -4.55 -27.17 -23.58
C VAL C 289 -4.96 -27.46 -22.14
N VAL C 290 -4.60 -26.56 -21.22
CA VAL C 290 -4.72 -26.83 -19.79
C VAL C 290 -5.67 -25.81 -19.17
N TYR C 291 -6.67 -26.31 -18.41
CA TYR C 291 -7.54 -25.45 -17.61
C TYR C 291 -6.71 -24.64 -16.62
N GLU C 292 -6.81 -23.32 -16.69
CA GLU C 292 -6.35 -22.44 -15.62
C GLU C 292 -7.48 -21.44 -15.35
N GLY C 293 -8.03 -21.46 -14.14
CA GLY C 293 -9.11 -20.54 -13.85
C GLY C 293 -9.95 -21.02 -12.68
N ARG C 294 -11.16 -20.49 -12.62
CA ARG C 294 -12.02 -20.65 -11.46
C ARG C 294 -13.29 -21.40 -11.86
N ILE C 295 -14.12 -21.71 -10.88
CA ILE C 295 -15.35 -22.44 -11.11
C ILE C 295 -16.49 -21.66 -10.48
N ARG C 296 -17.55 -21.45 -11.25
CA ARG C 296 -18.76 -20.80 -10.75
C ARG C 296 -19.90 -21.76 -11.05
N ALA C 297 -20.38 -22.45 -10.01
CA ALA C 297 -21.41 -23.47 -10.20
C ALA C 297 -21.92 -23.89 -8.83
N GLU C 298 -23.20 -24.29 -8.80
CA GLU C 298 -23.73 -24.89 -7.58
C GLU C 298 -23.01 -26.20 -7.25
N ASP C 299 -22.58 -26.94 -8.28
CA ASP C 299 -21.92 -28.23 -8.10
C ASP C 299 -20.62 -28.19 -8.91
N PRO C 300 -19.51 -27.75 -8.29
CA PRO C 300 -18.26 -27.54 -9.06
C PRO C 300 -17.73 -28.80 -9.73
N ALA C 301 -17.75 -29.94 -9.05
CA ALA C 301 -17.24 -31.17 -9.66
C ALA C 301 -18.06 -31.54 -10.89
N GLN C 302 -19.38 -31.42 -10.80
CA GLN C 302 -20.21 -31.75 -11.97
C GLN C 302 -20.00 -30.74 -13.07
N ALA C 303 -19.91 -29.45 -12.74
CA ALA C 303 -19.67 -28.45 -13.77
C ALA C 303 -18.33 -28.68 -14.44
N TYR C 304 -17.33 -29.12 -13.67
CA TYR C 304 -16.01 -29.39 -14.26
C TYR C 304 -16.09 -30.53 -15.25
N ARG C 305 -16.68 -31.65 -14.83
CA ARG C 305 -16.85 -32.78 -15.75
C ARG C 305 -17.66 -32.39 -16.98
N ASP C 306 -18.77 -31.66 -16.77
CA ASP C 306 -19.60 -31.26 -17.90
C ASP C 306 -18.83 -30.38 -18.89
N SER C 307 -18.01 -29.47 -18.36
CA SER C 307 -17.25 -28.59 -19.26
C SER C 307 -16.27 -29.40 -20.11
N LEU C 308 -15.61 -30.39 -19.51
CA LEU C 308 -14.68 -31.21 -20.27
C LEU C 308 -15.43 -32.03 -21.33
N ALA C 309 -16.56 -32.61 -20.95
CA ALA C 309 -17.35 -33.38 -21.92
C ALA C 309 -17.76 -32.52 -23.09
N TRP C 310 -18.18 -31.28 -22.83
CA TRP C 310 -18.52 -30.37 -23.91
C TRP C 310 -17.31 -30.06 -24.78
N LEU C 311 -16.15 -29.83 -24.16
CA LEU C 311 -14.96 -29.50 -24.94
C LEU C 311 -14.56 -30.64 -25.86
N ARG C 312 -14.84 -31.89 -25.45
CA ARG C 312 -14.51 -33.02 -26.31
C ARG C 312 -15.26 -32.95 -27.64
N THR C 313 -16.34 -32.16 -27.72
CA THR C 313 -17.07 -31.99 -28.96
C THR C 313 -16.63 -30.77 -29.76
N CYS C 314 -15.62 -30.04 -29.29
CA CYS C 314 -15.17 -28.81 -29.96
C CYS C 314 -14.02 -29.04 -30.93
N LYS D 51 -33.69 2.84 -36.28
CA LYS D 51 -32.60 1.90 -36.52
C LYS D 51 -31.23 2.58 -36.44
N LYS D 52 -31.22 3.91 -36.56
CA LYS D 52 -29.98 4.66 -36.49
C LYS D 52 -29.50 4.75 -35.04
N MET D 53 -28.28 4.28 -34.79
CA MET D 53 -27.71 4.38 -33.44
C MET D 53 -27.17 5.77 -33.21
N LYS D 54 -27.51 6.36 -32.07
CA LYS D 54 -26.90 7.61 -31.63
C LYS D 54 -25.59 7.30 -30.93
N ILE D 55 -24.49 7.85 -31.42
CA ILE D 55 -23.15 7.49 -30.95
C ILE D 55 -22.47 8.74 -30.41
N GLY D 56 -22.08 8.69 -29.13
CA GLY D 56 -21.39 9.78 -28.49
C GLY D 56 -19.99 9.38 -28.06
N THR D 57 -19.31 10.31 -27.42
CA THR D 57 -17.96 10.04 -26.96
C THR D 57 -17.69 10.80 -25.67
N GLN D 58 -16.85 10.20 -24.83
CA GLN D 58 -16.18 10.94 -23.77
C GLN D 58 -15.03 11.76 -24.36
N ASN D 59 -14.41 12.57 -23.51
CA ASN D 59 -13.27 13.37 -23.95
C ASN D 59 -12.06 12.47 -24.20
N GLN D 60 -11.23 12.87 -25.15
CA GLN D 60 -9.93 12.24 -25.38
C GLN D 60 -8.85 13.30 -25.35
N ALA D 61 -7.63 12.88 -25.02
CA ALA D 61 -6.54 13.85 -24.83
C ALA D 61 -6.27 14.67 -26.09
N PHE D 62 -6.53 14.10 -27.28
CA PHE D 62 -6.25 14.86 -28.50
C PHE D 62 -7.35 15.84 -28.86
N PHE D 63 -8.50 15.84 -28.17
CA PHE D 63 -9.52 16.85 -28.41
C PHE D 63 -9.01 18.23 -28.00
N PRO D 64 -9.49 19.30 -28.64
CA PRO D 64 -9.18 20.64 -28.14
C PRO D 64 -9.63 20.80 -26.70
N GLU D 65 -8.85 21.59 -25.95
CA GLU D 65 -9.15 21.83 -24.53
C GLU D 65 -10.22 22.89 -24.36
N ASN D 66 -10.20 23.94 -25.18
CA ASN D 66 -11.21 24.97 -25.07
C ASN D 66 -12.59 24.38 -25.35
N ILE D 67 -13.56 24.74 -24.50
CA ILE D 67 -14.84 24.02 -24.51
C ILE D 67 -15.58 24.22 -25.84
N LEU D 68 -15.68 25.46 -26.29
CA LEU D 68 -16.38 25.70 -27.55
C LEU D 68 -15.67 24.99 -28.70
N GLU D 69 -14.34 25.10 -28.76
CA GLU D 69 -13.60 24.41 -29.82
C GLU D 69 -13.77 22.91 -29.71
N LYS D 70 -13.82 22.39 -28.48
CA LYS D 70 -14.00 20.96 -28.27
C LYS D 70 -15.33 20.48 -28.84
N PHE D 71 -16.42 21.22 -28.56
CA PHE D 71 -17.72 20.84 -29.10
C PHE D 71 -17.74 20.93 -30.62
N ARG D 72 -17.18 22.00 -31.18
CA ARG D 72 -17.11 22.11 -32.64
C ARG D 72 -16.37 20.92 -33.23
N TYR D 73 -15.27 20.53 -32.61
CA TYR D 73 -14.44 19.44 -33.10
C TYR D 73 -15.16 18.10 -33.04
N ILE D 74 -15.82 17.82 -31.91
CA ILE D 74 -16.55 16.56 -31.78
C ILE D 74 -17.68 16.49 -32.80
N LYS D 75 -18.38 17.61 -32.98
CA LYS D 75 -19.46 17.63 -33.98
C LYS D 75 -18.91 17.39 -35.37
N GLU D 76 -17.78 18.02 -35.68
CA GLU D 76 -17.20 17.88 -37.01
C GLU D 76 -16.76 16.45 -37.29
N MET D 77 -16.26 15.75 -36.26
CA MET D 77 -15.89 14.34 -36.44
C MET D 77 -17.10 13.46 -36.75
N GLY D 78 -18.30 13.90 -36.38
CA GLY D 78 -19.51 13.15 -36.70
C GLY D 78 -20.27 12.57 -35.52
N PHE D 79 -19.87 12.86 -34.28
CA PHE D 79 -20.54 12.26 -33.14
C PHE D 79 -21.89 12.94 -32.87
N ASP D 80 -22.80 12.19 -32.25
CA ASP D 80 -24.13 12.67 -31.90
C ASP D 80 -24.22 13.29 -30.51
N GLY D 81 -23.20 13.14 -29.67
CA GLY D 81 -23.30 13.69 -28.33
C GLY D 81 -21.97 13.58 -27.61
N PHE D 82 -21.89 14.28 -26.49
CA PHE D 82 -20.68 14.37 -25.68
C PHE D 82 -21.00 13.96 -24.26
N GLU D 83 -20.22 13.01 -23.72
CA GLU D 83 -20.31 12.63 -22.31
C GLU D 83 -19.20 13.34 -21.56
N ILE D 84 -19.55 14.32 -20.74
CA ILE D 84 -18.61 15.30 -20.20
C ILE D 84 -18.15 14.89 -18.80
N ASP D 85 -16.92 15.27 -18.47
CA ASP D 85 -16.45 15.13 -17.09
C ASP D 85 -17.31 16.00 -16.16
N GLY D 86 -17.68 15.43 -15.01
CA GLY D 86 -18.61 16.14 -14.12
C GLY D 86 -18.05 17.45 -13.59
N LYS D 87 -16.74 17.49 -13.33
CA LYS D 87 -16.13 18.69 -12.80
C LYS D 87 -15.97 19.76 -13.89
N LEU D 88 -15.57 19.33 -15.10
CA LEU D 88 -15.52 20.27 -16.22
C LEU D 88 -16.90 20.89 -16.46
N LEU D 89 -17.94 20.09 -16.36
CA LEU D 89 -19.30 20.59 -16.56
C LEU D 89 -19.69 21.60 -15.49
N VAL D 90 -19.49 21.25 -14.22
CA VAL D 90 -19.94 22.11 -13.13
C VAL D 90 -19.17 23.43 -13.14
N ASN D 91 -17.86 23.39 -13.38
CA ASN D 91 -17.02 24.58 -13.31
C ASN D 91 -17.11 25.47 -14.55
N ASN D 92 -17.75 25.00 -15.63
CA ASN D 92 -17.79 25.76 -16.87
C ASN D 92 -19.19 25.71 -17.47
N ILE D 93 -20.21 25.77 -16.63
CA ILE D 93 -21.55 25.44 -17.12
C ILE D 93 -22.01 26.45 -18.18
N GLU D 94 -21.66 27.73 -18.02
CA GLU D 94 -22.11 28.72 -19.01
C GLU D 94 -21.45 28.48 -20.37
N GLU D 95 -20.15 28.17 -20.37
CA GLU D 95 -19.49 27.87 -21.65
C GLU D 95 -20.08 26.63 -22.30
N VAL D 96 -20.42 25.63 -21.48
CA VAL D 96 -21.00 24.40 -22.02
C VAL D 96 -22.37 24.68 -22.64
N LYS D 97 -23.21 25.43 -21.93
CA LYS D 97 -24.51 25.80 -22.48
C LYS D 97 -24.36 26.52 -23.81
N ALA D 98 -23.44 27.48 -23.88
CA ALA D 98 -23.22 28.21 -25.14
C ALA D 98 -22.75 27.27 -26.23
N ALA D 99 -21.84 26.34 -25.90
CA ALA D 99 -21.32 25.44 -26.91
C ALA D 99 -22.41 24.52 -27.46
N ILE D 100 -23.28 24.01 -26.58
CA ILE D 100 -24.38 23.17 -27.03
C ILE D 100 -25.27 23.95 -28.00
N LYS D 101 -25.60 25.19 -27.64
CA LYS D 101 -26.49 25.97 -28.50
C LYS D 101 -25.82 26.31 -29.83
N GLU D 102 -24.53 26.64 -29.79
CA GLU D 102 -23.79 26.95 -31.02
C GLU D 102 -23.78 25.76 -31.98
N THR D 103 -23.36 24.60 -31.48
CA THR D 103 -23.04 23.47 -32.35
C THR D 103 -24.20 22.52 -32.56
N GLY D 104 -25.19 22.55 -31.67
CA GLY D 104 -26.22 21.52 -31.70
C GLY D 104 -25.77 20.18 -31.16
N LEU D 105 -24.57 20.11 -30.58
CA LEU D 105 -24.07 18.86 -30.02
C LEU D 105 -24.46 18.82 -28.54
N PRO D 106 -25.31 17.89 -28.12
CA PRO D 106 -25.76 17.89 -26.73
C PRO D 106 -24.76 17.23 -25.80
N VAL D 107 -24.80 17.65 -24.54
CA VAL D 107 -24.22 16.87 -23.45
C VAL D 107 -25.25 15.78 -23.14
N THR D 108 -24.88 14.52 -23.38
CA THR D 108 -25.80 13.41 -23.14
C THR D 108 -25.83 13.01 -21.68
N THR D 109 -24.69 13.08 -21.02
CA THR D 109 -24.44 12.43 -19.74
C THR D 109 -23.18 13.05 -19.17
N ALA D 110 -22.94 12.81 -17.88
CA ALA D 110 -21.66 13.12 -17.29
C ALA D 110 -21.07 11.85 -16.68
N CYS D 111 -19.75 11.88 -16.50
CA CYS D 111 -19.08 10.74 -15.93
C CYS D 111 -17.87 11.28 -15.17
N GLY D 112 -17.63 10.74 -13.97
CA GLY D 112 -16.54 11.24 -13.14
C GLY D 112 -16.78 12.66 -12.63
N GLY D 113 -15.71 13.24 -12.09
CA GLY D 113 -15.73 14.61 -11.62
C GLY D 113 -16.01 14.80 -10.15
N TYR D 114 -16.04 13.73 -9.36
CA TYR D 114 -16.30 13.79 -7.93
C TYR D 114 -15.23 12.96 -7.21
N ASP D 115 -14.92 13.34 -5.98
CA ASP D 115 -13.92 12.66 -5.16
CA ASP D 115 -13.92 12.66 -5.16
C ASP D 115 -14.65 11.94 -4.03
N GLY D 116 -14.76 10.63 -4.14
CA GLY D 116 -15.49 9.84 -3.17
C GLY D 116 -16.52 8.95 -3.84
N TRP D 117 -16.31 7.64 -3.78
CA TRP D 117 -17.16 6.72 -4.51
C TRP D 117 -18.46 6.47 -3.75
N ILE D 118 -19.51 6.09 -4.49
CA ILE D 118 -20.78 5.82 -3.80
C ILE D 118 -20.66 4.63 -2.86
N GLY D 119 -19.68 3.75 -3.06
CA GLY D 119 -19.42 2.66 -2.13
C GLY D 119 -18.09 2.81 -1.40
N ASP D 120 -17.65 4.05 -1.21
CA ASP D 120 -16.30 4.28 -0.66
C ASP D 120 -16.13 3.59 0.68
N PHE D 121 -14.93 3.07 0.91
CA PHE D 121 -14.59 2.53 2.22
C PHE D 121 -14.59 3.60 3.31
N ILE D 122 -14.33 4.86 2.95
CA ILE D 122 -14.21 5.96 3.91
C ILE D 122 -15.50 6.75 3.91
N GLU D 123 -16.17 6.80 5.07
CA GLU D 123 -17.52 7.36 5.10
C GLU D 123 -17.51 8.83 4.69
N GLU D 124 -16.55 9.60 5.18
CA GLU D 124 -16.51 11.02 4.83
C GLU D 124 -16.39 11.20 3.32
N ARG D 125 -15.61 10.34 2.66
CA ARG D 125 -15.43 10.45 1.22
C ARG D 125 -16.70 10.08 0.46
N ARG D 126 -17.38 9.02 0.90
CA ARG D 126 -18.66 8.67 0.30
C ARG D 126 -19.63 9.84 0.38
N LEU D 127 -19.75 10.45 1.56
CA LEU D 127 -20.70 11.54 1.74
C LEU D 127 -20.29 12.77 0.95
N ASN D 128 -18.98 13.07 0.91
CA ASN D 128 -18.53 14.19 0.10
CA ASN D 128 -18.50 14.17 0.09
C ASN D 128 -18.80 13.93 -1.38
N GLY D 129 -18.59 12.70 -1.84
CA GLY D 129 -18.89 12.38 -3.22
C GLY D 129 -20.35 12.57 -3.57
N LEU D 130 -21.25 12.18 -2.65
CA LEU D 130 -22.68 12.37 -2.90
C LEU D 130 -23.01 13.84 -3.08
N LYS D 131 -22.40 14.71 -2.26
CA LYS D 131 -22.65 16.15 -2.41
C LYS D 131 -22.15 16.65 -3.76
N GLN D 132 -21.02 16.14 -4.20
CA GLN D 132 -20.50 16.57 -5.50
C GLN D 132 -21.35 16.01 -6.63
N ILE D 133 -21.84 14.78 -6.50
CA ILE D 133 -22.70 14.22 -7.53
C ILE D 133 -24.02 14.99 -7.60
N GLU D 134 -24.54 15.42 -6.45
CA GLU D 134 -25.74 16.25 -6.45
C GLU D 134 -25.55 17.50 -7.32
N ARG D 135 -24.37 18.14 -7.22
CA ARG D 135 -24.12 19.32 -8.04
C ARG D 135 -23.98 18.97 -9.52
N ILE D 136 -23.37 17.83 -9.82
CA ILE D 136 -23.27 17.38 -11.21
C ILE D 136 -24.66 17.13 -11.79
N LEU D 137 -25.55 16.51 -11.01
CA LEU D 137 -26.91 16.27 -11.50
C LEU D 137 -27.64 17.60 -11.74
N GLU D 138 -27.42 18.57 -10.87
CA GLU D 138 -28.04 19.88 -11.09
C GLU D 138 -27.52 20.50 -12.39
N ALA D 139 -26.21 20.39 -12.63
CA ALA D 139 -25.63 20.95 -13.84
C ALA D 139 -26.16 20.22 -15.08
N LEU D 140 -26.31 18.89 -15.00
CA LEU D 140 -26.92 18.15 -16.09
C LEU D 140 -28.34 18.62 -16.37
N ALA D 141 -29.13 18.85 -15.31
CA ALA D 141 -30.48 19.36 -15.53
C ALA D 141 -30.44 20.68 -16.29
N GLU D 142 -29.53 21.57 -15.91
CA GLU D 142 -29.47 22.87 -16.56
C GLU D 142 -29.07 22.78 -18.03
N VAL D 143 -28.24 21.81 -18.41
CA VAL D 143 -27.80 21.73 -19.81
C VAL D 143 -28.59 20.71 -20.61
N GLY D 144 -29.58 20.06 -20.02
CA GLY D 144 -30.37 19.09 -20.75
C GLY D 144 -29.75 17.71 -20.83
N GLY D 145 -28.76 17.41 -20.01
CA GLY D 145 -28.20 16.08 -19.98
C GLY D 145 -29.12 15.10 -19.27
N LYS D 146 -28.95 13.81 -19.57
CA LYS D 146 -29.86 12.80 -19.03
C LYS D 146 -29.48 12.36 -17.62
N GLY D 147 -28.20 12.28 -17.31
CA GLY D 147 -27.83 11.76 -16.01
C GLY D 147 -26.34 11.49 -15.93
N ILE D 148 -25.94 10.96 -14.78
CA ILE D 148 -24.53 10.73 -14.47
C ILE D 148 -24.27 9.23 -14.43
N VAL D 149 -23.12 8.84 -14.97
CA VAL D 149 -22.65 7.45 -14.92
C VAL D 149 -21.76 7.30 -13.70
N VAL D 150 -22.06 6.35 -12.82
CA VAL D 150 -21.21 6.08 -11.65
C VAL D 150 -21.01 4.58 -11.47
N PRO D 151 -19.82 4.16 -11.11
CA PRO D 151 -19.62 2.80 -10.62
C PRO D 151 -19.80 2.75 -9.11
N ALA D 152 -19.74 1.57 -8.51
CA ALA D 152 -19.67 1.50 -7.05
C ALA D 152 -18.37 2.14 -6.56
N ALA D 153 -17.28 1.94 -7.29
CA ALA D 153 -15.97 2.53 -7.02
C ALA D 153 -15.08 2.15 -8.20
N TRP D 154 -13.96 2.85 -8.33
CA TRP D 154 -12.92 2.47 -9.28
C TRP D 154 -11.57 2.56 -8.58
N GLY D 155 -10.73 1.54 -8.80
CA GLY D 155 -9.34 1.58 -8.35
C GLY D 155 -9.13 1.59 -6.85
N MET D 156 -10.19 1.29 -6.10
CA MET D 156 -10.18 1.28 -4.64
C MET D 156 -9.84 -0.10 -4.09
N PHE D 157 -10.43 -1.15 -4.67
CA PHE D 157 -10.22 -2.49 -4.18
C PHE D 157 -10.62 -3.49 -5.26
N THR D 158 -9.96 -4.65 -5.25
CA THR D 158 -10.36 -5.79 -6.07
C THR D 158 -10.05 -7.06 -5.28
N PHE D 159 -10.93 -8.06 -5.38
CA PHE D 159 -10.62 -9.35 -4.77
C PHE D 159 -9.52 -10.10 -5.51
N ARG D 160 -9.15 -9.68 -6.71
CA ARG D 160 -8.31 -10.49 -7.58
C ARG D 160 -6.84 -10.08 -7.60
N LEU D 161 -6.48 -9.01 -6.90
CA LEU D 161 -5.08 -8.60 -6.81
C LEU D 161 -4.78 -8.21 -5.36
N PRO D 162 -3.53 -8.33 -4.92
CA PRO D 162 -3.19 -7.99 -3.52
C PRO D 162 -3.48 -6.52 -3.24
N PRO D 163 -3.97 -6.19 -2.03
CA PRO D 163 -4.30 -7.09 -0.92
C PRO D 163 -5.56 -7.91 -1.17
N MET D 164 -5.52 -9.21 -0.87
CA MET D 164 -6.61 -10.09 -1.24
C MET D 164 -7.82 -9.97 -0.32
N THR D 165 -7.66 -9.44 0.89
CA THR D 165 -8.74 -9.44 1.87
C THR D 165 -9.39 -8.06 1.95
N SER D 166 -10.71 -8.01 1.80
CA SER D 166 -11.40 -6.73 1.88
C SER D 166 -11.50 -6.29 3.33
N PRO D 167 -11.37 -5.00 3.62
CA PRO D 167 -11.54 -4.53 5.00
C PRO D 167 -12.98 -4.41 5.43
N ARG D 168 -13.94 -4.69 4.55
CA ARG D 168 -15.36 -4.51 4.85
C ARG D 168 -16.12 -5.75 4.41
N SER D 169 -17.15 -6.12 5.17
CA SER D 169 -17.97 -7.28 4.82
C SER D 169 -18.78 -7.01 3.56
N LEU D 170 -19.25 -8.10 2.93
CA LEU D 170 -20.16 -7.97 1.79
C LEU D 170 -21.42 -7.20 2.17
N ASP D 171 -21.98 -7.48 3.35
CA ASP D 171 -23.16 -6.74 3.79
C ASP D 171 -22.83 -5.27 4.00
N GLY D 172 -21.62 -4.98 4.48
CA GLY D 172 -21.20 -3.58 4.59
C GLY D 172 -21.12 -2.89 3.24
N ASP D 173 -20.56 -3.58 2.24
CA ASP D 173 -20.58 -3.07 0.86
C ASP D 173 -22.00 -2.71 0.45
N ARG D 174 -22.91 -3.68 0.61
CA ARG D 174 -24.27 -3.52 0.12
C ARG D 174 -24.99 -2.37 0.83
N LYS D 175 -24.72 -2.21 2.13
CA LYS D 175 -25.38 -1.15 2.89
C LYS D 175 -24.91 0.23 2.44
N MET D 176 -23.60 0.39 2.22
CA MET D 176 -23.10 1.71 1.82
C MET D 176 -23.54 2.06 0.39
N VAL D 177 -23.44 1.11 -0.54
CA VAL D 177 -23.89 1.38 -1.91
C VAL D 177 -25.39 1.67 -1.92
N SER D 178 -26.17 0.84 -1.21
CA SER D 178 -27.62 1.06 -1.17
C SER D 178 -27.97 2.42 -0.56
N ASP D 179 -27.31 2.79 0.54
CA ASP D 179 -27.58 4.10 1.13
C ASP D 179 -27.31 5.21 0.14
N SER D 180 -26.16 5.15 -0.54
CA SER D 180 -25.82 6.18 -1.52
C SER D 180 -26.89 6.24 -2.61
N LEU D 181 -27.33 5.08 -3.10
CA LEU D 181 -28.28 5.10 -4.21
C LEU D 181 -29.63 5.64 -3.76
N ARG D 182 -30.03 5.37 -2.52
CA ARG D 182 -31.29 5.91 -2.03
C ARG D 182 -31.23 7.43 -1.89
N VAL D 183 -30.07 7.97 -1.51
CA VAL D 183 -29.89 9.42 -1.48
C VAL D 183 -29.97 9.99 -2.88
N LEU D 184 -29.20 9.43 -3.82
CA LEU D 184 -29.15 9.97 -5.18
C LEU D 184 -30.48 9.79 -5.91
N GLU D 185 -31.22 8.74 -5.58
CA GLU D 185 -32.56 8.56 -6.13
C GLU D 185 -33.42 9.81 -5.93
N GLN D 186 -33.32 10.43 -4.74
CA GLN D 186 -34.14 11.59 -4.45
C GLN D 186 -33.66 12.82 -5.23
N VAL D 187 -32.34 12.97 -5.35
CA VAL D 187 -31.78 14.08 -6.11
C VAL D 187 -32.07 13.92 -7.59
N ALA D 188 -31.93 12.71 -8.13
CA ALA D 188 -32.26 12.46 -9.51
C ALA D 188 -33.72 12.81 -9.78
N ALA D 189 -34.62 12.35 -8.92
CA ALA D 189 -36.04 12.66 -9.09
C ALA D 189 -36.27 14.17 -9.08
N ARG D 190 -35.65 14.88 -8.13
CA ARG D 190 -35.91 16.31 -7.98
C ARG D 190 -35.30 17.13 -9.11
N THR D 191 -34.15 16.70 -9.66
CA THR D 191 -33.51 17.39 -10.77
C THR D 191 -34.00 16.93 -12.14
N GLY D 192 -34.82 15.88 -12.20
CA GLY D 192 -35.28 15.38 -13.49
C GLY D 192 -34.24 14.61 -14.27
N THR D 193 -33.29 13.99 -13.57
CA THR D 193 -32.19 13.23 -14.18
C THR D 193 -32.25 11.79 -13.72
N VAL D 194 -31.29 10.99 -14.17
CA VAL D 194 -31.17 9.58 -13.81
C VAL D 194 -29.74 9.31 -13.36
N VAL D 195 -29.58 8.37 -12.43
CA VAL D 195 -28.25 7.84 -12.13
C VAL D 195 -28.08 6.56 -12.93
N TYR D 196 -27.00 6.48 -13.71
CA TYR D 196 -26.68 5.28 -14.49
C TYR D 196 -25.59 4.51 -13.73
N LEU D 197 -25.95 3.32 -13.25
CA LEU D 197 -25.08 2.53 -12.38
C LEU D 197 -24.27 1.56 -13.24
N GLU D 198 -22.94 1.66 -13.18
CA GLU D 198 -22.09 0.93 -14.12
C GLU D 198 -21.35 -0.22 -13.44
N PRO D 199 -21.62 -1.47 -13.83
CA PRO D 199 -20.72 -2.57 -13.44
C PRO D 199 -19.38 -2.41 -14.12
N LEU D 200 -18.30 -2.55 -13.34
CA LEU D 200 -16.95 -2.57 -13.88
C LEU D 200 -16.37 -3.97 -13.75
N ASN D 201 -15.34 -4.26 -14.53
CA ASN D 201 -14.74 -5.58 -14.40
C ASN D 201 -14.14 -5.75 -12.99
N ARG D 202 -13.94 -7.02 -12.62
CA ARG D 202 -13.51 -7.43 -11.28
C ARG D 202 -12.19 -6.78 -10.83
N TYR D 203 -11.33 -6.35 -11.76
CA TYR D 203 -10.08 -5.72 -11.34
C TYR D 203 -10.26 -4.28 -10.91
N GLN D 204 -11.27 -3.60 -11.47
CA GLN D 204 -11.52 -2.20 -11.16
C GLN D 204 -12.41 -1.99 -9.94
N ASP D 205 -13.26 -2.97 -9.61
CA ASP D 205 -14.25 -2.83 -8.56
C ASP D 205 -14.64 -4.21 -8.06
N HIS D 206 -14.79 -4.35 -6.73
CA HIS D 206 -15.22 -5.63 -6.19
C HIS D 206 -16.73 -5.74 -6.03
N MET D 207 -17.48 -4.63 -6.11
CA MET D 207 -18.88 -4.63 -5.66
C MET D 207 -19.88 -4.92 -6.77
N ILE D 208 -19.68 -4.38 -7.98
CA ILE D 208 -20.67 -4.50 -9.05
C ILE D 208 -19.94 -4.82 -10.34
N ASN D 209 -20.05 -6.06 -10.80
CA ASN D 209 -19.31 -6.52 -11.98
C ASN D 209 -20.20 -6.94 -13.16
N THR D 210 -21.44 -7.38 -12.91
CA THR D 210 -22.35 -7.78 -13.97
C THR D 210 -23.57 -6.87 -14.00
N LEU D 211 -24.28 -6.88 -15.14
CA LEU D 211 -25.55 -6.17 -15.20
C LEU D 211 -26.50 -6.68 -14.12
N ALA D 212 -26.47 -7.98 -13.82
CA ALA D 212 -27.37 -8.51 -12.79
C ALA D 212 -27.03 -7.93 -11.41
N ASP D 213 -25.74 -7.66 -11.14
CA ASP D 213 -25.37 -7.00 -9.89
C ASP D 213 -26.03 -5.64 -9.77
N ALA D 214 -25.94 -4.83 -10.83
CA ALA D 214 -26.55 -3.51 -10.80
C ALA D 214 -28.06 -3.63 -10.68
N ARG D 215 -28.65 -4.61 -11.39
CA ARG D 215 -30.09 -4.83 -11.30
C ARG D 215 -30.52 -5.10 -9.87
N ARG D 216 -29.74 -5.89 -9.14
CA ARG D 216 -30.07 -6.26 -7.73
C ARG D 216 -30.16 -4.97 -6.90
N TYR D 217 -29.18 -4.09 -7.04
CA TYR D 217 -29.21 -2.85 -6.26
C TYR D 217 -30.45 -2.04 -6.59
N ILE D 218 -30.83 -1.99 -7.87
CA ILE D 218 -31.95 -1.14 -8.26
C ILE D 218 -33.28 -1.75 -7.80
N VAL D 219 -33.45 -3.05 -8.03
CA VAL D 219 -34.73 -3.70 -7.73
C VAL D 219 -34.92 -3.83 -6.23
N GLU D 220 -33.90 -4.28 -5.50
CA GLU D 220 -34.06 -4.52 -4.07
C GLU D 220 -34.23 -3.22 -3.29
N ASN D 221 -33.78 -2.09 -3.81
CA ASN D 221 -34.04 -0.80 -3.17
C ASN D 221 -35.24 -0.09 -3.78
N ASP D 222 -35.93 -0.72 -4.74
CA ASP D 222 -37.14 -0.17 -5.37
C ASP D 222 -36.88 1.22 -5.96
N LEU D 223 -35.74 1.39 -6.63
CA LEU D 223 -35.37 2.69 -7.17
C LEU D 223 -36.03 2.92 -8.53
N LYS D 224 -36.54 4.14 -8.73
CA LYS D 224 -37.26 4.50 -9.93
C LYS D 224 -36.48 5.46 -10.83
N HIS D 225 -35.37 6.02 -10.33
CA HIS D 225 -34.58 6.99 -11.09
C HIS D 225 -33.12 6.56 -11.19
N VAL D 226 -32.85 5.27 -11.04
CA VAL D 226 -31.53 4.70 -11.18
C VAL D 226 -31.64 3.58 -12.20
N GLN D 227 -30.84 3.68 -13.26
CA GLN D 227 -30.89 2.70 -14.34
C GLN D 227 -29.52 2.06 -14.51
N ILE D 228 -29.45 1.05 -15.35
CA ILE D 228 -28.20 0.33 -15.60
C ILE D 228 -27.52 0.95 -16.82
N ILE D 229 -26.20 1.00 -16.75
CA ILE D 229 -25.35 1.32 -17.92
C ILE D 229 -24.44 0.12 -18.16
N GLY D 230 -24.52 -0.45 -19.36
CA GLY D 230 -23.67 -1.57 -19.70
C GLY D 230 -22.49 -1.09 -20.53
N ASP D 231 -21.31 -1.60 -20.19
CA ASP D 231 -20.07 -1.23 -20.87
C ASP D 231 -19.56 -2.48 -21.58
N PHE D 232 -19.47 -2.42 -22.92
CA PHE D 232 -19.12 -3.61 -23.70
C PHE D 232 -17.78 -4.19 -23.27
N TYR D 233 -16.82 -3.33 -22.91
CA TYR D 233 -15.49 -3.81 -22.53
C TYR D 233 -15.55 -4.56 -21.21
N HIS D 234 -16.25 -4.00 -20.21
CA HIS D 234 -16.37 -4.74 -18.94
C HIS D 234 -17.22 -5.99 -19.10
N MET D 235 -18.30 -5.88 -19.87
CA MET D 235 -19.19 -7.02 -20.12
C MET D 235 -18.46 -8.16 -20.82
N ASN D 236 -17.52 -7.84 -21.70
CA ASN D 236 -16.77 -8.87 -22.42
C ASN D 236 -15.97 -9.73 -21.46
N ILE D 237 -15.60 -9.16 -20.31
CA ILE D 237 -14.95 -9.95 -19.27
C ILE D 237 -15.97 -10.63 -18.37
N GLU D 238 -17.05 -9.95 -17.98
CA GLU D 238 -17.83 -10.40 -16.84
C GLU D 238 -19.10 -11.19 -17.18
N GLU D 239 -19.71 -10.96 -18.34
CA GLU D 239 -21.02 -11.56 -18.62
C GLU D 239 -20.88 -12.96 -19.20
N ASP D 240 -21.87 -13.80 -18.91
CA ASP D 240 -21.96 -15.12 -19.54
C ASP D 240 -22.24 -15.01 -21.03
N ASN D 241 -22.99 -13.98 -21.44
CA ASN D 241 -23.46 -13.85 -22.81
C ASN D 241 -23.87 -12.39 -22.97
N LEU D 242 -23.12 -11.63 -23.76
CA LEU D 242 -23.29 -10.17 -23.78
C LEU D 242 -24.66 -9.77 -24.32
N ALA D 243 -25.01 -10.27 -25.50
CA ALA D 243 -26.31 -9.96 -26.08
C ALA D 243 -27.44 -10.36 -25.14
N GLN D 244 -27.33 -11.53 -24.51
CA GLN D 244 -28.39 -11.96 -23.60
C GLN D 244 -28.51 -11.03 -22.40
N ALA D 245 -27.38 -10.53 -21.89
CA ALA D 245 -27.45 -9.61 -20.75
C ALA D 245 -28.12 -8.30 -21.14
N LEU D 246 -27.83 -7.78 -22.34
CA LEU D 246 -28.53 -6.59 -22.80
C LEU D 246 -30.03 -6.83 -22.89
N HIS D 247 -30.42 -8.00 -23.41
CA HIS D 247 -31.83 -8.30 -23.61
C HIS D 247 -32.54 -8.50 -22.28
N ASP D 248 -31.96 -9.31 -21.39
CA ASP D 248 -32.60 -9.60 -20.10
C ASP D 248 -32.76 -8.36 -19.23
N ASN D 249 -31.98 -7.32 -19.48
CA ASN D 249 -32.05 -6.10 -18.68
C ASN D 249 -32.59 -4.92 -19.45
N ARG D 250 -33.26 -5.16 -20.58
CA ARG D 250 -33.75 -4.05 -21.40
C ARG D 250 -34.75 -3.16 -20.67
N ASP D 251 -35.42 -3.66 -19.63
CA ASP D 251 -36.33 -2.82 -18.88
C ASP D 251 -35.61 -1.77 -18.05
N LEU D 252 -34.32 -1.99 -17.74
CA LEU D 252 -33.56 -1.03 -16.94
C LEU D 252 -32.31 -0.50 -17.65
N LEU D 253 -32.01 -0.96 -18.85
CA LEU D 253 -30.80 -0.52 -19.53
C LEU D 253 -31.04 0.89 -20.10
N GLY D 254 -30.40 1.89 -19.51
CA GLY D 254 -30.65 3.26 -19.91
C GLY D 254 -29.53 3.93 -20.68
N HIS D 255 -28.34 3.34 -20.69
CA HIS D 255 -27.16 3.96 -21.27
C HIS D 255 -26.17 2.85 -21.58
N VAL D 256 -25.27 3.10 -22.53
CA VAL D 256 -24.31 2.10 -22.99
C VAL D 256 -22.95 2.76 -23.21
N HIS D 257 -21.88 2.11 -22.73
CA HIS D 257 -20.52 2.46 -23.07
C HIS D 257 -19.96 1.45 -24.07
N ILE D 258 -19.18 1.92 -25.04
CA ILE D 258 -18.59 1.02 -26.01
C ILE D 258 -17.09 1.24 -26.13
N ALA D 259 -16.39 0.14 -26.36
CA ALA D 259 -14.96 0.06 -26.62
C ALA D 259 -14.74 -1.37 -27.10
N ASP D 260 -13.60 -1.62 -27.71
CA ASP D 260 -13.35 -2.98 -28.14
C ASP D 260 -12.81 -3.81 -26.97
N ASN D 261 -12.51 -5.09 -27.23
CA ASN D 261 -12.20 -6.03 -26.15
C ASN D 261 -10.97 -5.61 -25.37
N HIS D 262 -10.03 -4.92 -26.01
CA HIS D 262 -8.81 -4.47 -25.37
C HIS D 262 -8.88 -3.01 -24.96
N ARG D 263 -10.09 -2.44 -24.90
CA ARG D 263 -10.38 -1.07 -24.48
C ARG D 263 -10.02 -0.04 -25.55
N TYR D 264 -9.53 -0.42 -26.73
CA TYR D 264 -9.17 0.56 -27.75
C TYR D 264 -10.36 0.82 -28.67
N GLN D 265 -10.13 1.60 -29.73
CA GLN D 265 -11.23 2.14 -30.53
C GLN D 265 -12.01 1.02 -31.21
N PRO D 266 -13.34 1.17 -31.34
CA PRO D 266 -14.15 0.09 -31.91
C PRO D 266 -13.69 -0.30 -33.31
N GLY D 267 -13.63 -1.61 -33.54
CA GLY D 267 -13.14 -2.15 -34.78
C GLY D 267 -11.68 -2.55 -34.76
N SER D 268 -10.91 -2.12 -33.77
CA SER D 268 -9.50 -2.49 -33.69
C SER D 268 -9.27 -3.79 -32.92
N GLY D 269 -10.32 -4.38 -32.35
CA GLY D 269 -10.29 -5.68 -31.70
C GLY D 269 -11.29 -6.61 -32.37
N THR D 270 -11.97 -7.49 -31.63
CA THR D 270 -12.90 -8.38 -32.34
C THR D 270 -14.29 -8.42 -31.71
N LEU D 271 -14.67 -7.43 -30.91
CA LEU D 271 -16.05 -7.41 -30.44
C LEU D 271 -17.00 -7.24 -31.61
N ASP D 272 -18.12 -7.98 -31.59
CA ASP D 272 -19.07 -7.97 -32.69
C ASP D 272 -20.08 -6.84 -32.45
N PHE D 273 -19.66 -5.62 -32.83
CA PHE D 273 -20.50 -4.45 -32.60
C PHE D 273 -21.81 -4.55 -33.39
N HIS D 274 -21.75 -5.09 -34.61
CA HIS D 274 -22.98 -5.24 -35.40
C HIS D 274 -23.98 -6.14 -34.68
N ALA D 275 -23.52 -7.30 -34.19
CA ALA D 275 -24.43 -8.19 -33.46
C ALA D 275 -24.98 -7.51 -32.22
N LEU D 276 -24.15 -6.74 -31.51
CA LEU D 276 -24.64 -6.09 -30.29
C LEU D 276 -25.57 -4.94 -30.62
N PHE D 277 -25.27 -4.18 -31.67
CA PHE D 277 -26.19 -3.11 -32.09
C PHE D 277 -27.51 -3.72 -32.54
N GLU D 278 -27.47 -4.88 -33.21
CA GLU D 278 -28.71 -5.54 -33.62
C GLU D 278 -29.55 -5.95 -32.42
N GLN D 279 -28.90 -6.41 -31.35
CA GLN D 279 -29.64 -6.73 -30.14
C GLN D 279 -30.31 -5.49 -29.56
N LEU D 280 -29.58 -4.37 -29.50
CA LEU D 280 -30.17 -3.14 -28.99
C LEU D 280 -31.35 -2.69 -29.84
N ARG D 281 -31.22 -2.81 -31.18
CA ARG D 281 -32.33 -2.47 -32.08
C ARG D 281 -33.53 -3.35 -31.81
N ALA D 282 -33.31 -4.65 -31.68
CA ALA D 282 -34.41 -5.58 -31.42
C ALA D 282 -35.11 -5.30 -30.11
N ASP D 283 -34.37 -4.81 -29.11
CA ASP D 283 -34.93 -4.44 -27.82
C ASP D 283 -35.46 -3.01 -27.80
N ASN D 284 -35.47 -2.33 -28.95
CA ASN D 284 -35.98 -0.95 -29.06
C ASN D 284 -35.25 0.01 -28.13
N TYR D 285 -33.92 -0.17 -28.03
CA TYR D 285 -33.10 0.74 -27.25
C TYR D 285 -33.19 2.16 -27.78
N GLN D 286 -33.45 3.12 -26.89
CA GLN D 286 -33.65 4.51 -27.29
C GLN D 286 -32.53 5.44 -26.84
N GLY D 287 -31.49 4.92 -26.19
CA GLY D 287 -30.44 5.75 -25.64
C GLY D 287 -29.28 5.94 -26.59
N TYR D 288 -28.15 6.37 -26.03
CA TYR D 288 -26.91 6.57 -26.76
C TYR D 288 -25.96 5.41 -26.47
N VAL D 289 -25.04 5.19 -27.40
CA VAL D 289 -23.85 4.38 -27.16
C VAL D 289 -22.65 5.32 -27.19
N VAL D 290 -21.86 5.32 -26.13
CA VAL D 290 -20.86 6.34 -25.91
C VAL D 290 -19.49 5.69 -25.80
N TYR D 291 -18.53 6.21 -26.56
CA TYR D 291 -17.14 5.75 -26.45
C TYR D 291 -16.61 6.02 -25.05
N GLU D 292 -16.13 4.97 -24.38
CA GLU D 292 -15.31 5.12 -23.18
C GLU D 292 -14.13 4.18 -23.33
N GLY D 293 -12.92 4.72 -23.37
CA GLY D 293 -11.77 3.85 -23.54
C GLY D 293 -10.58 4.62 -24.10
N ARG D 294 -9.65 3.85 -24.65
CA ARG D 294 -8.35 4.38 -25.02
C ARG D 294 -8.17 4.29 -26.53
N ILE D 295 -7.08 4.88 -27.01
CA ILE D 295 -6.76 4.87 -28.43
C ILE D 295 -5.35 4.33 -28.61
N ARG D 296 -5.19 3.37 -29.52
CA ARG D 296 -3.87 2.85 -29.87
C ARG D 296 -3.73 3.05 -31.36
N ALA D 297 -2.92 4.04 -31.73
CA ALA D 297 -2.80 4.44 -33.13
C ALA D 297 -1.64 5.40 -33.27
N GLU D 298 -1.00 5.37 -34.44
CA GLU D 298 0.00 6.39 -34.74
C GLU D 298 -0.65 7.74 -35.01
N ASP D 299 -1.89 7.73 -35.50
CA ASP D 299 -2.66 8.96 -35.76
C ASP D 299 -4.00 8.83 -35.04
N PRO D 300 -4.06 9.26 -33.77
CA PRO D 300 -5.30 9.04 -32.99
C PRO D 300 -6.55 9.63 -33.61
N ALA D 301 -6.48 10.88 -34.09
CA ALA D 301 -7.66 11.52 -34.67
C ALA D 301 -8.19 10.72 -35.84
N GLN D 302 -7.30 10.29 -36.74
CA GLN D 302 -7.75 9.51 -37.89
C GLN D 302 -8.32 8.17 -37.46
N ALA D 303 -7.69 7.52 -36.48
CA ALA D 303 -8.22 6.23 -36.02
C ALA D 303 -9.59 6.41 -35.37
N TYR D 304 -9.76 7.52 -34.65
CA TYR D 304 -11.07 7.80 -34.06
C TYR D 304 -12.13 8.00 -35.14
N ARG D 305 -11.83 8.87 -36.11
CA ARG D 305 -12.76 9.09 -37.21
C ARG D 305 -13.06 7.79 -37.95
N ASP D 306 -12.02 6.99 -38.22
CA ASP D 306 -12.24 5.74 -38.95
C ASP D 306 -13.13 4.79 -38.16
N SER D 307 -12.93 4.72 -36.84
CA SER D 307 -13.76 3.81 -36.06
C SER D 307 -15.22 4.23 -36.07
N LEU D 308 -15.49 5.54 -35.95
CA LEU D 308 -16.86 6.00 -36.02
C LEU D 308 -17.47 5.71 -37.39
N ALA D 309 -16.72 5.99 -38.47
CA ALA D 309 -17.21 5.68 -39.81
C ALA D 309 -17.58 4.22 -39.94
N TRP D 310 -16.73 3.33 -39.42
CA TRP D 310 -17.05 1.91 -39.48
C TRP D 310 -18.28 1.57 -38.64
N LEU D 311 -18.42 2.18 -37.46
CA LEU D 311 -19.58 1.89 -36.62
C LEU D 311 -20.89 2.29 -37.30
N ARG D 312 -20.85 3.34 -38.14
CA ARG D 312 -22.05 3.75 -38.84
C ARG D 312 -22.57 2.66 -39.78
N THR D 313 -21.73 1.69 -40.15
CA THR D 313 -22.16 0.55 -40.96
C THR D 313 -22.63 -0.63 -40.12
N CYS D 314 -22.60 -0.52 -38.79
CA CYS D 314 -22.98 -1.62 -37.92
C CYS D 314 -24.44 -1.53 -37.47
#